data_1TLF
#
_entry.id   1TLF
#
_cell.length_a   90.160
_cell.length_b   64.730
_cell.length_c   117.940
_cell.angle_alpha   90.00
_cell.angle_beta   91.75
_cell.angle_gamma   90.00
#
_symmetry.space_group_name_H-M   'P 1 21 1'
#
loop_
_entity.id
_entity.type
_entity.pdbx_description
1 polymer 'LAC REPRESSOR'
2 non-polymer 'ETHYL MERCURY ION'
3 non-polymer '1-methylethyl 1-thio-beta-D-galactopyranoside'
#
_entity_poly.entity_id   1
_entity_poly.type   'polypeptide(L)'
_entity_poly.pdbx_seq_one_letter_code
;QSLLIGVATSSLALHAPSQIVAAIKSRADQLGASVVVSMVERSGVEACKAAVHNLLAQRVSGLIINYPLDDQDAIAVEAA
CTNVPALFLDVSDQTPINSIIFSHEDGTRLGVEHLVALGHQQIALLAGPLSSVSARLRLAGWHKYLTRNQIQPIAEREGD
WSAMSGFQQTMQMLNEGIVPTAMLVANDQMALGAMRAITESGLRVGADISVVGYDDTEDSSCYIPPLTTIKQDFRLLGQT
SVDRLLQLSQGQAVKGNQLLPVSLVKRKTTLAPNTQTASPRALADSLMQLARQVSRLESGQ
;
_entity_poly.pdbx_strand_id   A,B,C,D
#
loop_
_chem_comp.id
_chem_comp.type
_chem_comp.name
_chem_comp.formula
EMC non-polymer 'ETHYL MERCURY ION' 'C2 H5 Hg 1'
IPT D-saccharide '1-methylethyl 1-thio-beta-D-galactopyranoside' 'C9 H18 O5 S'
#
# COMPACT_ATOMS: atom_id res chain seq x y z
N SER A 2 8.58 -29.05 -14.16
CA SER A 2 8.48 -30.00 -15.31
C SER A 2 9.64 -29.71 -16.30
N LEU A 3 9.34 -29.25 -17.52
CA LEU A 3 10.40 -28.96 -18.48
C LEU A 3 11.20 -27.69 -18.18
N LEU A 4 12.17 -27.38 -19.03
CA LEU A 4 13.04 -26.23 -18.82
C LEU A 4 13.09 -25.36 -20.06
N ILE A 5 12.88 -24.06 -19.86
CA ILE A 5 12.87 -23.06 -20.92
C ILE A 5 14.14 -22.23 -20.87
N GLY A 6 14.81 -22.10 -22.01
CA GLY A 6 16.04 -21.32 -22.06
C GLY A 6 15.73 -19.99 -22.70
N VAL A 7 16.16 -18.89 -22.08
CA VAL A 7 15.87 -17.57 -22.61
C VAL A 7 17.15 -16.82 -22.99
N ALA A 8 17.27 -16.40 -24.26
CA ALA A 8 18.44 -15.65 -24.74
C ALA A 8 17.95 -14.23 -24.76
N THR A 9 18.41 -13.46 -23.80
CA THR A 9 17.93 -12.12 -23.68
C THR A 9 19.03 -11.12 -23.95
N SER A 10 18.63 -9.93 -24.39
CA SER A 10 19.57 -8.85 -24.63
C SER A 10 19.69 -8.20 -23.25
N SER A 11 20.49 -7.13 -23.13
CA SER A 11 20.72 -6.47 -21.85
C SER A 11 19.51 -6.21 -20.94
N LEU A 12 19.58 -6.82 -19.76
CA LEU A 12 18.57 -6.71 -18.74
C LEU A 12 18.75 -5.38 -18.05
N ALA A 13 19.54 -4.48 -18.65
CA ALA A 13 19.76 -3.15 -18.08
C ALA A 13 18.61 -2.30 -18.58
N LEU A 14 18.09 -2.63 -19.77
CA LEU A 14 16.97 -1.90 -20.34
C LEU A 14 15.71 -2.49 -19.69
N HIS A 15 14.67 -1.69 -19.48
CA HIS A 15 13.47 -2.20 -18.80
C HIS A 15 12.57 -3.16 -19.59
N ALA A 16 12.35 -2.89 -20.86
CA ALA A 16 11.51 -3.76 -21.65
C ALA A 16 11.98 -5.20 -21.52
N PRO A 17 13.28 -5.45 -21.80
CA PRO A 17 13.77 -6.82 -21.68
C PRO A 17 13.54 -7.43 -20.28
N SER A 18 13.96 -6.73 -19.24
CA SER A 18 13.76 -7.25 -17.90
C SER A 18 12.27 -7.52 -17.65
N GLN A 19 11.40 -6.70 -18.24
CA GLN A 19 9.98 -6.91 -18.05
C GLN A 19 9.50 -8.10 -18.82
N ILE A 20 10.07 -8.33 -19.99
CA ILE A 20 9.63 -9.48 -20.76
C ILE A 20 10.01 -10.72 -20.04
N VAL A 21 11.28 -10.82 -19.64
CA VAL A 21 11.74 -12.02 -18.92
C VAL A 21 10.87 -12.25 -17.70
N ALA A 22 10.57 -11.21 -16.95
CA ALA A 22 9.74 -11.41 -15.76
C ALA A 22 8.44 -12.06 -16.12
N ALA A 23 7.80 -11.54 -17.17
CA ALA A 23 6.51 -12.09 -17.59
C ALA A 23 6.65 -13.53 -17.99
N ILE A 24 7.73 -13.85 -18.69
CA ILE A 24 7.95 -15.24 -19.11
C ILE A 24 7.98 -16.15 -17.87
N LYS A 25 8.70 -15.74 -16.84
CA LYS A 25 8.81 -16.50 -15.59
C LYS A 25 7.48 -16.74 -14.89
N SER A 26 6.64 -15.73 -14.81
CA SER A 26 5.33 -15.85 -14.16
C SER A 26 4.51 -16.93 -14.82
N ARG A 27 4.52 -16.93 -16.16
CA ARG A 27 3.79 -17.91 -16.94
C ARG A 27 4.33 -19.32 -16.70
N ALA A 28 5.60 -19.53 -17.04
CA ALA A 28 6.23 -20.83 -16.83
C ALA A 28 5.87 -21.33 -15.43
N ASP A 29 6.07 -20.47 -14.43
CA ASP A 29 5.77 -20.82 -13.06
C ASP A 29 4.43 -21.50 -12.99
N GLN A 30 3.41 -20.86 -13.56
CA GLN A 30 2.06 -21.41 -13.56
C GLN A 30 1.99 -22.80 -14.21
N LEU A 31 2.58 -22.95 -15.38
CA LEU A 31 2.53 -24.23 -16.10
C LEU A 31 3.61 -25.20 -15.63
N GLY A 32 4.18 -24.88 -14.47
CA GLY A 32 5.22 -25.71 -13.90
C GLY A 32 6.50 -25.82 -14.67
N ALA A 33 6.69 -25.00 -15.71
CA ALA A 33 7.93 -25.07 -16.48
C ALA A 33 9.04 -24.37 -15.69
N SER A 34 10.29 -24.58 -16.10
CA SER A 34 11.44 -23.96 -15.43
C SER A 34 12.06 -22.97 -16.42
N VAL A 35 12.91 -22.06 -15.93
CA VAL A 35 13.52 -21.06 -16.80
C VAL A 35 14.98 -20.72 -16.46
N VAL A 36 15.86 -20.80 -17.47
CA VAL A 36 17.27 -20.49 -17.31
C VAL A 36 17.56 -19.37 -18.30
N VAL A 37 18.06 -18.26 -17.78
CA VAL A 37 18.34 -17.06 -18.56
C VAL A 37 19.81 -16.91 -19.00
N SER A 38 20.02 -16.48 -20.24
CA SER A 38 21.37 -16.27 -20.77
C SER A 38 21.34 -14.92 -21.49
N MET A 39 22.32 -14.07 -21.15
CA MET A 39 22.41 -12.72 -21.71
C MET A 39 23.35 -12.57 -22.90
N VAL A 40 22.88 -11.81 -23.89
CA VAL A 40 23.60 -11.59 -25.14
C VAL A 40 24.19 -10.19 -25.21
N GLU A 41 25.29 -10.08 -25.94
CA GLU A 41 25.98 -8.82 -26.10
C GLU A 41 25.44 -8.21 -27.37
N ARG A 42 25.48 -6.89 -27.44
CA ARG A 42 24.97 -6.13 -28.58
C ARG A 42 25.65 -6.46 -29.91
N SER A 43 26.54 -7.46 -29.88
CA SER A 43 27.29 -7.87 -31.07
C SER A 43 26.49 -8.48 -32.23
N GLY A 44 25.34 -9.08 -31.94
CA GLY A 44 24.53 -9.67 -32.99
C GLY A 44 24.72 -11.16 -33.23
N VAL A 45 24.43 -11.59 -34.47
CA VAL A 45 24.53 -12.99 -34.92
C VAL A 45 25.35 -13.95 -34.07
N GLU A 46 26.64 -13.66 -33.99
CA GLU A 46 27.56 -14.52 -33.27
C GLU A 46 27.33 -14.57 -31.77
N ALA A 47 27.18 -13.41 -31.15
CA ALA A 47 26.97 -13.34 -29.71
C ALA A 47 25.70 -14.09 -29.38
N CYS A 48 24.67 -13.88 -30.18
CA CYS A 48 23.38 -14.53 -29.99
C CYS A 48 23.52 -16.05 -30.21
N LYS A 49 24.25 -16.43 -31.25
CA LYS A 49 24.47 -17.84 -31.54
C LYS A 49 25.16 -18.45 -30.33
N ALA A 50 26.15 -17.75 -29.80
CA ALA A 50 26.91 -18.22 -28.65
C ALA A 50 25.97 -18.41 -27.46
N ALA A 51 24.97 -17.55 -27.35
CA ALA A 51 24.02 -17.67 -26.28
C ALA A 51 23.27 -18.98 -26.48
N VAL A 52 22.69 -19.14 -27.66
CA VAL A 52 21.91 -20.33 -27.99
C VAL A 52 22.68 -21.62 -27.73
N HIS A 53 23.91 -21.71 -28.21
CA HIS A 53 24.69 -22.94 -28.00
C HIS A 53 24.90 -23.23 -26.50
N ASN A 54 25.04 -22.17 -25.71
CA ASN A 54 25.24 -22.31 -24.28
C ASN A 54 24.04 -22.98 -23.66
N LEU A 55 22.87 -22.56 -24.12
CA LEU A 55 21.60 -23.09 -23.63
C LEU A 55 21.34 -24.50 -24.13
N LEU A 56 21.72 -24.80 -25.36
CA LEU A 56 21.49 -26.14 -25.86
C LEU A 56 22.24 -27.07 -24.94
N ALA A 57 23.42 -26.65 -24.51
CA ALA A 57 24.25 -27.44 -23.60
C ALA A 57 23.64 -27.49 -22.20
N GLN A 58 22.72 -26.57 -21.93
CA GLN A 58 22.06 -26.47 -20.65
C GLN A 58 20.82 -27.35 -20.63
N ARG A 59 20.78 -28.33 -21.54
CA ARG A 59 19.64 -29.24 -21.67
C ARG A 59 18.60 -28.47 -22.48
N VAL A 60 17.86 -27.61 -21.80
CA VAL A 60 16.84 -26.77 -22.42
C VAL A 60 15.86 -27.50 -23.35
N SER A 61 14.58 -27.36 -23.03
CA SER A 61 13.50 -27.99 -23.79
C SER A 61 13.10 -27.13 -24.96
N GLY A 62 13.26 -25.83 -24.79
CA GLY A 62 12.90 -24.88 -25.83
C GLY A 62 13.55 -23.55 -25.50
N LEU A 63 13.69 -22.68 -26.49
CA LEU A 63 14.32 -21.38 -26.25
C LEU A 63 13.44 -20.21 -26.69
N ILE A 64 13.51 -19.10 -25.95
CA ILE A 64 12.79 -17.90 -26.33
C ILE A 64 13.94 -16.93 -26.58
N ILE A 65 14.05 -16.44 -27.81
CA ILE A 65 15.13 -15.52 -28.20
C ILE A 65 14.64 -14.06 -28.20
N ASN A 66 14.88 -13.34 -27.11
CA ASN A 66 14.41 -11.98 -27.00
C ASN A 66 15.50 -10.97 -27.39
N TYR A 67 16.21 -11.30 -28.47
CA TYR A 67 17.32 -10.52 -28.97
C TYR A 67 17.04 -10.07 -30.42
N PRO A 68 17.54 -8.88 -30.80
CA PRO A 68 17.43 -8.25 -32.11
C PRO A 68 18.21 -8.94 -33.23
N LEU A 69 17.51 -9.34 -34.29
CA LEU A 69 18.17 -10.00 -35.41
C LEU A 69 17.55 -9.64 -36.79
N ASP A 70 18.38 -9.33 -37.76
CA ASP A 70 17.85 -9.02 -39.09
C ASP A 70 17.43 -10.40 -39.62
N ASP A 71 16.72 -10.43 -40.73
CA ASP A 71 16.24 -11.69 -41.30
C ASP A 71 17.30 -12.78 -41.31
N GLN A 72 18.45 -12.43 -41.87
CA GLN A 72 19.52 -13.40 -41.99
C GLN A 72 20.05 -13.91 -40.69
N ASP A 73 20.20 -13.01 -39.72
CA ASP A 73 20.73 -13.42 -38.43
C ASP A 73 19.69 -14.23 -37.69
N ALA A 74 18.43 -13.91 -37.90
CA ALA A 74 17.33 -14.61 -37.25
C ALA A 74 17.35 -16.08 -37.68
N ILE A 75 17.45 -16.28 -38.99
CA ILE A 75 17.50 -17.62 -39.58
C ILE A 75 18.77 -18.36 -39.18
N ALA A 76 19.87 -17.62 -39.05
CA ALA A 76 21.13 -18.25 -38.65
C ALA A 76 20.95 -18.76 -37.22
N VAL A 77 20.43 -17.89 -36.37
CA VAL A 77 20.19 -18.18 -34.98
C VAL A 77 19.27 -19.38 -34.81
N GLU A 78 18.15 -19.39 -35.51
CA GLU A 78 17.23 -20.53 -35.46
C GLU A 78 17.97 -21.81 -35.84
N ALA A 79 18.66 -21.80 -36.98
CA ALA A 79 19.41 -22.96 -37.46
C ALA A 79 20.44 -23.43 -36.42
N ALA A 80 20.86 -22.50 -35.57
CA ALA A 80 21.82 -22.81 -34.51
C ALA A 80 21.11 -23.52 -33.36
N CYS A 81 19.80 -23.34 -33.26
CA CYS A 81 19.01 -23.96 -32.21
C CYS A 81 18.93 -25.47 -32.27
N THR A 82 19.45 -26.04 -33.34
CA THR A 82 19.47 -27.48 -33.50
C THR A 82 18.24 -28.18 -32.98
N ASN A 83 17.22 -28.30 -33.84
CA ASN A 83 15.94 -28.98 -33.54
C ASN A 83 15.05 -28.50 -32.38
N VAL A 84 15.65 -28.08 -31.26
CA VAL A 84 14.91 -27.61 -30.10
C VAL A 84 14.04 -26.41 -30.49
N PRO A 85 12.73 -26.47 -30.20
CA PRO A 85 11.87 -25.35 -30.57
C PRO A 85 12.40 -24.01 -30.05
N ALA A 86 12.39 -23.00 -30.93
CA ALA A 86 12.86 -21.65 -30.61
C ALA A 86 11.84 -20.61 -31.05
N LEU A 87 11.65 -19.59 -30.22
CA LEU A 87 10.71 -18.50 -30.52
C LEU A 87 11.40 -17.14 -30.42
N PHE A 88 11.32 -16.36 -31.51
CA PHE A 88 11.92 -15.02 -31.57
C PHE A 88 10.93 -13.91 -31.27
N LEU A 89 11.30 -13.01 -30.37
CA LEU A 89 10.45 -11.90 -29.97
C LEU A 89 10.91 -10.55 -30.48
N ASP A 90 12.12 -10.47 -31.02
CA ASP A 90 12.65 -9.20 -31.50
C ASP A 90 13.07 -9.30 -32.97
N VAL A 91 12.13 -9.69 -33.82
CA VAL A 91 12.37 -9.82 -35.24
C VAL A 91 11.38 -9.01 -36.09
N SER A 92 11.46 -9.21 -37.41
CA SER A 92 10.58 -8.57 -38.35
C SER A 92 9.45 -9.56 -38.52
N ASP A 93 8.21 -9.09 -38.43
CA ASP A 93 7.07 -9.99 -38.59
C ASP A 93 7.08 -10.76 -39.92
N GLN A 94 8.02 -10.42 -40.80
CA GLN A 94 8.13 -11.08 -42.09
C GLN A 94 9.30 -12.05 -42.12
N THR A 95 9.83 -12.44 -40.96
CA THR A 95 10.92 -13.38 -41.01
C THR A 95 10.33 -14.77 -40.77
N PRO A 96 10.65 -15.72 -41.68
CA PRO A 96 10.21 -17.13 -41.70
C PRO A 96 10.75 -17.96 -40.55
N ILE A 97 10.33 -17.58 -39.34
CA ILE A 97 10.74 -18.25 -38.13
C ILE A 97 9.53 -18.07 -37.23
N ASN A 98 9.41 -18.88 -36.18
CA ASN A 98 8.28 -18.77 -35.26
C ASN A 98 8.51 -17.58 -34.34
N SER A 99 7.65 -16.57 -34.42
CA SER A 99 7.81 -15.39 -33.59
C SER A 99 6.49 -14.83 -33.14
N ILE A 100 6.55 -13.83 -32.25
CA ILE A 100 5.38 -13.14 -31.70
C ILE A 100 5.85 -11.70 -31.47
N ILE A 101 5.66 -10.84 -32.46
CA ILE A 101 6.08 -9.47 -32.30
C ILE A 101 4.85 -8.60 -32.25
N PHE A 102 4.94 -7.45 -31.59
CA PHE A 102 3.81 -6.53 -31.48
C PHE A 102 3.70 -5.85 -32.83
N SER A 103 2.60 -5.13 -33.05
CA SER A 103 2.43 -4.44 -34.31
C SER A 103 3.01 -3.05 -34.36
N HIS A 104 4.08 -2.93 -35.11
CA HIS A 104 4.74 -1.63 -35.29
C HIS A 104 3.93 -0.70 -36.21
N GLU A 105 3.14 -1.29 -37.10
CA GLU A 105 2.34 -0.47 -38.01
C GLU A 105 1.38 0.33 -37.17
N ASP A 106 0.82 -0.30 -36.15
CA ASP A 106 -0.12 0.36 -35.27
C ASP A 106 0.53 1.41 -34.38
N GLY A 107 1.66 1.05 -33.77
CA GLY A 107 2.36 1.98 -32.93
C GLY A 107 2.72 3.26 -33.65
N THR A 108 3.40 3.15 -34.77
CA THR A 108 3.81 4.33 -35.54
C THR A 108 2.63 5.17 -36.09
N ARG A 109 1.60 4.49 -36.61
CA ARG A 109 0.39 5.15 -37.13
C ARG A 109 -0.23 5.90 -35.98
N LEU A 110 -0.54 5.18 -34.91
CA LEU A 110 -1.14 5.76 -33.71
C LEU A 110 -0.34 6.96 -33.22
N GLY A 111 0.98 6.88 -33.32
CA GLY A 111 1.83 7.95 -32.83
C GLY A 111 1.76 9.24 -33.60
N VAL A 112 2.00 9.15 -34.90
CA VAL A 112 1.99 10.31 -35.79
C VAL A 112 0.61 10.92 -35.90
N GLU A 113 -0.44 10.10 -35.84
CA GLU A 113 -1.80 10.62 -35.95
C GLU A 113 -2.14 11.48 -34.76
N HIS A 114 -1.70 11.03 -33.59
CA HIS A 114 -1.95 11.74 -32.34
C HIS A 114 -1.30 13.12 -32.37
N LEU A 115 -0.06 13.20 -32.85
CA LEU A 115 0.63 14.48 -32.91
C LEU A 115 0.09 15.44 -33.97
N VAL A 116 -0.52 14.92 -35.03
CA VAL A 116 -1.07 15.80 -36.05
C VAL A 116 -2.46 16.25 -35.62
N ALA A 117 -3.24 15.36 -35.02
CA ALA A 117 -4.58 15.74 -34.54
C ALA A 117 -4.44 16.94 -33.60
N LEU A 118 -3.38 16.94 -32.81
CA LEU A 118 -3.06 18.01 -31.86
C LEU A 118 -2.60 19.24 -32.61
N GLY A 119 -2.24 19.04 -33.86
CA GLY A 119 -1.84 20.14 -34.71
C GLY A 119 -0.36 20.38 -34.87
N HIS A 120 0.47 19.44 -34.44
CA HIS A 120 1.90 19.64 -34.55
C HIS A 120 2.36 19.61 -35.97
N GLN A 121 3.36 20.43 -36.24
CA GLN A 121 3.93 20.55 -37.58
C GLN A 121 5.40 20.16 -37.46
N GLN A 122 6.06 20.70 -36.45
CA GLN A 122 7.47 20.44 -36.21
C GLN A 122 7.70 19.21 -35.33
N ILE A 123 7.75 18.04 -35.98
CA ILE A 123 7.96 16.75 -35.31
C ILE A 123 9.35 16.23 -35.57
N ALA A 124 10.09 15.99 -34.50
CA ALA A 124 11.42 15.44 -34.62
C ALA A 124 11.26 13.96 -34.31
N LEU A 125 12.30 13.17 -34.58
CA LEU A 125 12.26 11.74 -34.36
C LEU A 125 13.46 11.28 -33.60
N LEU A 126 13.23 10.51 -32.54
CA LEU A 126 14.31 9.96 -31.73
C LEU A 126 14.18 8.45 -31.89
N ALA A 127 14.83 7.88 -32.89
CA ALA A 127 14.78 6.42 -33.12
C ALA A 127 15.76 5.67 -32.23
N GLY A 128 15.54 4.36 -32.10
CA GLY A 128 16.43 3.52 -31.30
C GLY A 128 17.64 3.13 -32.12
N PRO A 129 18.56 2.28 -31.59
CA PRO A 129 19.75 1.89 -32.35
C PRO A 129 19.26 1.35 -33.67
N LEU A 130 19.92 1.69 -34.77
CA LEU A 130 19.48 1.21 -36.07
C LEU A 130 19.98 -0.19 -36.35
N SER A 131 20.57 -0.81 -35.34
CA SER A 131 21.02 -2.20 -35.47
C SER A 131 19.82 -3.04 -35.05
N SER A 132 18.82 -2.35 -34.50
CA SER A 132 17.61 -3.00 -34.03
C SER A 132 16.52 -3.02 -35.09
N VAL A 133 16.06 -4.22 -35.44
CA VAL A 133 14.99 -4.39 -36.42
C VAL A 133 13.76 -3.64 -35.94
N SER A 134 13.47 -3.71 -34.64
CA SER A 134 12.30 -3.01 -34.08
C SER A 134 12.53 -1.51 -34.15
N ALA A 135 13.76 -1.08 -33.89
CA ALA A 135 14.08 0.32 -33.94
C ALA A 135 13.92 0.81 -35.38
N ARG A 136 14.39 0.03 -36.35
CA ARG A 136 14.26 0.41 -37.76
C ARG A 136 12.81 0.38 -38.22
N LEU A 137 12.09 -0.69 -37.86
CA LEU A 137 10.68 -0.82 -38.22
C LEU A 137 9.86 0.39 -37.76
N ARG A 138 10.06 0.80 -36.52
CA ARG A 138 9.36 1.93 -35.97
C ARG A 138 9.72 3.21 -36.71
N LEU A 139 10.99 3.43 -36.99
CA LEU A 139 11.43 4.65 -37.68
C LEU A 139 10.80 4.72 -39.04
N ALA A 140 10.74 3.57 -39.69
CA ALA A 140 10.16 3.45 -41.02
C ALA A 140 8.67 3.71 -40.92
N GLY A 141 8.08 3.22 -39.83
CA GLY A 141 6.65 3.39 -39.61
C GLY A 141 6.36 4.87 -39.46
N TRP A 142 7.16 5.56 -38.66
CA TRP A 142 6.99 6.99 -38.44
C TRP A 142 7.03 7.64 -39.80
N HIS A 143 7.98 7.23 -40.64
CA HIS A 143 8.12 7.74 -42.01
C HIS A 143 6.97 7.45 -42.97
N LYS A 144 6.36 6.27 -42.89
CA LYS A 144 5.23 5.96 -43.76
C LYS A 144 4.05 6.91 -43.43
N TYR A 145 3.54 6.83 -42.21
CA TYR A 145 2.42 7.70 -41.83
C TYR A 145 2.77 9.18 -41.70
N LEU A 146 4.06 9.51 -41.51
CA LEU A 146 4.47 10.91 -41.39
C LEU A 146 4.41 11.60 -42.73
N THR A 147 5.01 10.98 -43.75
CA THR A 147 5.01 11.52 -45.12
C THR A 147 3.60 11.34 -45.67
N ARG A 148 2.96 10.25 -45.28
CA ARG A 148 1.59 10.01 -45.69
C ARG A 148 0.76 11.21 -45.25
N ASN A 149 1.15 11.84 -44.14
CA ASN A 149 0.45 13.03 -43.62
C ASN A 149 1.09 14.33 -44.09
N GLN A 150 1.84 14.26 -45.18
CA GLN A 150 2.52 15.41 -45.75
C GLN A 150 3.53 16.10 -44.84
N ILE A 151 3.66 15.64 -43.59
CA ILE A 151 4.60 16.25 -42.64
C ILE A 151 5.99 15.69 -42.79
N GLN A 152 6.98 16.55 -42.58
CA GLN A 152 8.37 16.15 -42.69
C GLN A 152 9.13 16.51 -41.42
N PRO A 153 9.79 15.53 -40.79
CA PRO A 153 10.55 15.75 -39.56
C PRO A 153 11.75 16.70 -39.73
N ILE A 154 11.71 17.81 -39.00
CA ILE A 154 12.76 18.84 -39.04
C ILE A 154 14.08 18.27 -38.55
N ALA A 155 13.95 17.23 -37.71
CA ALA A 155 15.09 16.56 -37.13
C ALA A 155 14.76 15.11 -36.92
N GLU A 156 15.81 14.31 -36.99
CA GLU A 156 15.72 12.87 -36.81
C GLU A 156 17.06 12.46 -36.25
N ARG A 157 17.04 11.80 -35.10
CA ARG A 157 18.26 11.34 -34.44
C ARG A 157 18.04 9.94 -33.90
N GLU A 158 19.14 9.28 -33.57
CA GLU A 158 19.08 7.92 -33.05
C GLU A 158 19.92 7.79 -31.77
N GLY A 159 19.26 7.37 -30.70
CA GLY A 159 19.91 7.12 -29.42
C GLY A 159 20.23 5.64 -29.30
N ASP A 160 20.19 5.07 -28.10
CA ASP A 160 20.51 3.65 -27.95
C ASP A 160 19.73 2.87 -26.90
N TRP A 161 18.48 3.29 -26.68
CA TRP A 161 17.54 2.68 -25.75
C TRP A 161 17.58 3.16 -24.33
N SER A 162 18.60 3.94 -23.98
CA SER A 162 18.75 4.44 -22.62
C SER A 162 18.38 5.88 -22.46
N ALA A 163 18.01 6.23 -21.23
CA ALA A 163 17.64 7.61 -20.88
C ALA A 163 18.72 8.68 -21.18
N MET A 164 19.98 8.35 -20.88
CA MET A 164 21.07 9.30 -21.11
C MET A 164 21.34 9.66 -22.57
N SER A 165 20.98 8.75 -23.49
CA SER A 165 21.14 8.94 -24.94
C SER A 165 19.98 9.72 -25.51
N GLY A 166 18.81 9.62 -24.87
CA GLY A 166 17.69 10.40 -25.33
C GLY A 166 18.04 11.85 -24.98
N PHE A 167 18.55 12.02 -23.77
CA PHE A 167 18.97 13.32 -23.30
C PHE A 167 20.00 13.87 -24.26
N GLN A 168 21.06 13.11 -24.45
CA GLN A 168 22.15 13.49 -25.37
C GLN A 168 21.65 13.96 -26.75
N GLN A 169 20.91 13.11 -27.47
CA GLN A 169 20.42 13.48 -28.78
C GLN A 169 19.57 14.71 -28.75
N THR A 170 18.69 14.79 -27.76
CA THR A 170 17.81 15.96 -27.64
C THR A 170 18.57 17.25 -27.31
N MET A 171 19.52 17.18 -26.38
CA MET A 171 20.30 18.38 -26.05
C MET A 171 21.01 18.82 -27.32
N GLN A 172 21.47 17.87 -28.13
CA GLN A 172 22.18 18.17 -29.39
C GLN A 172 21.26 18.90 -30.34
N MET A 173 20.09 18.32 -30.54
CA MET A 173 19.08 18.87 -31.42
C MET A 173 18.77 20.32 -31.02
N LEU A 174 18.26 20.49 -29.81
CA LEU A 174 17.91 21.82 -29.31
C LEU A 174 19.10 22.76 -29.47
N ASN A 175 20.28 22.29 -29.03
CA ASN A 175 21.52 23.07 -29.09
C ASN A 175 21.89 23.54 -30.49
N GLU A 176 21.49 22.78 -31.51
CA GLU A 176 21.79 23.12 -32.90
C GLU A 176 20.79 24.14 -33.45
N GLY A 177 19.79 24.49 -32.63
CA GLY A 177 18.81 25.47 -33.03
C GLY A 177 17.48 24.84 -33.40
N ILE A 178 17.53 23.56 -33.71
CA ILE A 178 16.35 22.82 -34.09
C ILE A 178 15.54 22.66 -32.83
N VAL A 179 14.32 23.17 -32.79
CA VAL A 179 13.48 23.03 -31.62
C VAL A 179 12.01 22.78 -31.99
N PRO A 180 11.66 21.50 -32.17
CA PRO A 180 10.32 21.04 -32.53
C PRO A 180 9.26 21.43 -31.52
N THR A 181 8.09 20.82 -31.64
CA THR A 181 6.98 21.09 -30.72
C THR A 181 6.32 19.78 -30.34
N ALA A 182 6.87 18.68 -30.84
CA ALA A 182 6.39 17.35 -30.58
C ALA A 182 7.56 16.45 -30.92
N MET A 183 7.61 15.34 -30.22
CA MET A 183 8.68 14.40 -30.44
C MET A 183 8.13 13.04 -30.37
N LEU A 184 8.65 12.17 -31.22
CA LEU A 184 8.26 10.78 -31.25
C LEU A 184 9.54 10.07 -30.81
N VAL A 185 9.45 9.25 -29.76
CA VAL A 185 10.63 8.55 -29.26
C VAL A 185 10.46 7.02 -29.29
N ALA A 186 11.49 6.31 -29.75
CA ALA A 186 11.52 4.83 -29.90
C ALA A 186 11.12 3.99 -28.68
N ASN A 187 11.34 4.52 -27.48
CA ASN A 187 10.94 3.86 -26.25
C ASN A 187 10.84 4.92 -25.16
N ASP A 188 10.33 4.54 -24.00
CA ASP A 188 10.16 5.47 -22.88
C ASP A 188 11.44 5.89 -22.15
N GLN A 189 12.40 4.99 -21.99
CA GLN A 189 13.64 5.36 -21.30
C GLN A 189 14.24 6.54 -21.99
N MET A 190 14.33 6.46 -23.29
CA MET A 190 14.85 7.61 -24.04
C MET A 190 13.89 8.80 -23.83
N ALA A 191 12.58 8.56 -23.95
CA ALA A 191 11.56 9.59 -23.80
C ALA A 191 11.86 10.38 -22.56
N LEU A 192 12.25 9.69 -21.49
CA LEU A 192 12.59 10.34 -20.23
C LEU A 192 13.76 11.31 -20.45
N GLY A 193 14.81 10.81 -21.08
CA GLY A 193 15.98 11.64 -21.35
C GLY A 193 15.66 12.83 -22.22
N ALA A 194 14.78 12.65 -23.21
CA ALA A 194 14.37 13.73 -24.08
C ALA A 194 13.63 14.76 -23.24
N MET A 195 12.79 14.28 -22.34
CA MET A 195 12.03 15.14 -21.44
C MET A 195 12.91 15.87 -20.46
N ARG A 196 14.06 15.28 -20.14
CA ARG A 196 15.02 15.88 -19.20
C ARG A 196 15.71 17.05 -19.89
N ALA A 197 16.11 16.81 -21.14
CA ALA A 197 16.77 17.79 -22.00
C ALA A 197 15.83 18.98 -22.21
N ILE A 198 14.58 18.69 -22.52
CA ILE A 198 13.62 19.75 -22.74
C ILE A 198 13.54 20.69 -21.53
N THR A 199 13.53 20.12 -20.32
CA THR A 199 13.49 20.95 -19.12
C THR A 199 14.83 21.61 -18.87
N GLU A 200 15.87 20.88 -19.23
CA GLU A 200 17.23 21.34 -19.08
C GLU A 200 17.40 22.64 -19.85
N SER A 201 16.55 22.85 -20.85
CA SER A 201 16.61 24.03 -21.69
C SER A 201 15.45 25.05 -21.53
N GLY A 202 14.96 25.23 -20.29
CA GLY A 202 13.88 26.18 -20.04
C GLY A 202 12.51 25.82 -20.59
N LEU A 203 12.50 24.94 -21.58
CA LEU A 203 11.26 24.50 -22.23
C LEU A 203 10.40 23.64 -21.31
N ARG A 204 9.16 23.42 -21.75
CA ARG A 204 8.20 22.64 -20.97
C ARG A 204 7.68 21.48 -21.78
N VAL A 205 7.49 20.34 -21.12
CA VAL A 205 7.01 19.13 -21.79
C VAL A 205 5.49 19.15 -21.92
N GLY A 206 5.00 18.90 -23.13
CA GLY A 206 3.58 18.93 -23.39
C GLY A 206 3.32 20.31 -23.93
N ALA A 207 3.25 21.28 -23.01
CA ALA A 207 3.00 22.68 -23.33
C ALA A 207 3.91 23.23 -24.43
N ASP A 208 5.22 23.16 -24.19
CA ASP A 208 6.17 23.64 -25.18
C ASP A 208 6.49 22.51 -26.16
N ILE A 209 7.34 21.58 -25.75
CA ILE A 209 7.74 20.46 -26.57
C ILE A 209 7.04 19.17 -26.10
N SER A 210 6.03 18.72 -26.85
CA SER A 210 5.27 17.53 -26.52
C SER A 210 6.09 16.26 -26.78
N VAL A 211 5.86 15.22 -25.97
CA VAL A 211 6.60 13.95 -26.09
C VAL A 211 5.80 12.66 -25.98
N VAL A 212 6.02 11.78 -26.94
CA VAL A 212 5.36 10.49 -27.00
C VAL A 212 6.42 9.39 -27.02
N GLY A 213 6.25 8.40 -26.15
CA GLY A 213 7.18 7.29 -26.06
C GLY A 213 6.62 5.98 -26.56
N TYR A 214 7.36 4.90 -26.28
CA TYR A 214 6.99 3.57 -26.74
C TYR A 214 7.27 2.57 -25.64
N ASP A 215 6.37 1.59 -25.44
CA ASP A 215 6.45 0.49 -24.44
C ASP A 215 5.53 0.56 -23.23
N ASP A 216 5.42 1.75 -22.66
CA ASP A 216 4.67 1.99 -21.44
C ASP A 216 5.25 1.04 -20.40
N THR A 217 6.55 1.19 -20.21
CA THR A 217 7.26 0.38 -19.25
C THR A 217 6.90 0.93 -17.87
N GLU A 218 6.83 0.03 -16.92
CA GLU A 218 6.51 0.31 -15.53
C GLU A 218 6.58 1.76 -15.05
N ASP A 219 7.78 2.31 -15.06
CA ASP A 219 8.00 3.66 -14.55
C ASP A 219 7.35 4.83 -15.28
N SER A 220 6.97 4.61 -16.52
CA SER A 220 6.37 5.65 -17.35
C SER A 220 5.18 6.41 -16.76
N SER A 221 4.31 5.73 -16.03
CA SER A 221 3.20 6.47 -15.45
C SER A 221 3.64 7.28 -14.24
N CYS A 222 4.94 7.32 -13.95
CA CYS A 222 5.43 8.10 -12.80
C CYS A 222 6.36 9.20 -13.22
N TYR A 223 6.62 9.27 -14.51
CA TYR A 223 7.47 10.30 -15.02
C TYR A 223 6.76 11.61 -14.75
N ILE A 224 7.50 12.69 -14.69
CA ILE A 224 6.90 13.98 -14.43
C ILE A 224 7.20 14.86 -15.62
N PRO A 225 6.19 15.11 -16.47
CA PRO A 225 4.80 14.66 -16.44
C PRO A 225 4.65 13.24 -16.95
N PRO A 226 3.55 12.55 -16.58
CA PRO A 226 3.24 11.19 -16.98
C PRO A 226 3.45 11.09 -18.47
N LEU A 227 3.96 9.96 -18.94
CA LEU A 227 4.27 9.83 -20.37
C LEU A 227 3.18 9.22 -21.26
N THR A 228 2.89 9.89 -22.38
CA THR A 228 1.92 9.38 -23.36
C THR A 228 2.80 8.39 -24.13
N THR A 229 2.28 7.19 -24.39
CA THR A 229 3.10 6.18 -25.00
C THR A 229 2.30 5.03 -25.53
N ILE A 230 2.87 4.37 -26.52
CA ILE A 230 2.27 3.19 -27.10
C ILE A 230 2.61 2.05 -26.14
N LYS A 231 1.56 1.47 -25.55
CA LYS A 231 1.71 0.37 -24.61
C LYS A 231 1.80 -1.00 -25.28
N GLN A 232 2.91 -1.70 -25.03
CA GLN A 232 3.16 -3.04 -25.56
C GLN A 232 2.93 -3.93 -24.34
N ASP A 233 1.99 -4.86 -24.40
CA ASP A 233 1.72 -5.70 -23.24
C ASP A 233 2.69 -6.85 -23.10
N PHE A 234 3.70 -6.64 -22.26
CA PHE A 234 4.73 -7.66 -22.00
C PHE A 234 4.29 -8.83 -21.13
N ARG A 235 3.10 -8.79 -20.56
CA ARG A 235 2.66 -9.97 -19.79
C ARG A 235 2.09 -10.87 -20.86
N LEU A 236 1.31 -10.26 -21.75
CA LEU A 236 0.68 -10.93 -22.87
C LEU A 236 1.80 -11.52 -23.70
N LEU A 237 2.89 -10.77 -23.82
CA LEU A 237 4.05 -11.20 -24.59
C LEU A 237 4.79 -12.37 -23.91
N GLY A 238 4.78 -12.42 -22.57
CA GLY A 238 5.45 -13.51 -21.87
C GLY A 238 4.62 -14.78 -21.87
N GLN A 239 3.31 -14.68 -21.62
CA GLN A 239 2.45 -15.88 -21.60
C GLN A 239 2.15 -16.42 -22.99
N THR A 240 1.95 -15.54 -23.96
CA THR A 240 1.68 -16.03 -25.30
C THR A 240 2.91 -16.73 -25.83
N SER A 241 4.09 -16.28 -25.40
CA SER A 241 5.32 -16.89 -25.87
C SER A 241 5.62 -18.22 -25.20
N VAL A 242 5.42 -18.30 -23.89
CA VAL A 242 5.68 -19.56 -23.19
C VAL A 242 4.66 -20.58 -23.64
N ASP A 243 3.39 -20.20 -23.65
CA ASP A 243 2.37 -21.12 -24.07
C ASP A 243 2.74 -21.65 -25.45
N ARG A 244 2.96 -20.73 -26.37
CA ARG A 244 3.30 -21.12 -27.71
C ARG A 244 4.54 -22.01 -27.82
N LEU A 245 5.55 -21.77 -27.00
CA LEU A 245 6.77 -22.57 -27.06
C LEU A 245 6.52 -24.01 -26.61
N LEU A 246 5.78 -24.17 -25.53
CA LEU A 246 5.50 -25.51 -25.05
C LEU A 246 4.64 -26.22 -26.09
N GLN A 247 3.72 -25.48 -26.70
CA GLN A 247 2.84 -26.02 -27.74
C GLN A 247 3.69 -26.40 -28.94
N LEU A 248 4.46 -25.43 -29.41
CA LEU A 248 5.37 -25.59 -30.53
C LEU A 248 6.21 -26.83 -30.23
N SER A 249 6.60 -26.97 -28.97
CA SER A 249 7.39 -28.11 -28.52
C SER A 249 6.61 -29.39 -28.80
N GLN A 250 5.35 -29.46 -28.34
CA GLN A 250 4.47 -30.62 -28.53
C GLN A 250 4.37 -31.10 -29.98
N GLY A 251 4.85 -30.30 -30.91
CA GLY A 251 4.79 -30.69 -32.31
C GLY A 251 3.50 -30.18 -32.92
N GLN A 252 2.73 -29.45 -32.12
CA GLN A 252 1.50 -28.87 -32.61
C GLN A 252 1.84 -27.62 -33.41
N ALA A 253 1.39 -27.62 -34.66
CA ALA A 253 1.65 -26.53 -35.60
C ALA A 253 1.21 -25.13 -35.12
N VAL A 254 1.92 -24.13 -35.63
CA VAL A 254 1.70 -22.71 -35.36
C VAL A 254 2.58 -22.07 -36.44
N LYS A 255 3.84 -22.50 -36.45
CA LYS A 255 4.87 -22.09 -37.39
C LYS A 255 5.18 -20.63 -37.74
N GLY A 256 4.20 -19.86 -38.18
CA GLY A 256 4.46 -18.47 -38.56
C GLY A 256 4.75 -17.48 -37.45
N ASN A 257 4.20 -16.29 -37.59
CA ASN A 257 4.41 -15.23 -36.62
C ASN A 257 3.07 -14.72 -36.12
N GLN A 258 3.04 -14.28 -34.87
CA GLN A 258 1.81 -13.76 -34.31
C GLN A 258 2.03 -12.31 -33.93
N LEU A 259 1.36 -11.43 -34.66
CA LEU A 259 1.43 -10.00 -34.41
C LEU A 259 0.52 -9.64 -33.24
N LEU A 260 1.10 -9.12 -32.16
CA LEU A 260 0.31 -8.75 -31.02
C LEU A 260 -0.04 -7.30 -31.15
N PRO A 261 -1.18 -6.91 -30.57
CA PRO A 261 -1.77 -5.57 -30.54
C PRO A 261 -0.89 -4.57 -29.79
N VAL A 262 -1.16 -3.30 -30.07
CA VAL A 262 -0.45 -2.20 -29.46
C VAL A 262 -1.47 -1.10 -29.31
N SER A 263 -1.35 -0.28 -28.28
CA SER A 263 -2.32 0.78 -28.05
C SER A 263 -1.64 2.05 -27.60
N LEU A 264 -2.41 3.12 -27.43
CA LEU A 264 -1.87 4.40 -26.98
C LEU A 264 -2.48 4.87 -25.69
N VAL A 265 -1.63 4.96 -24.67
CA VAL A 265 -2.03 5.42 -23.35
C VAL A 265 -1.75 6.93 -23.31
N LYS A 266 -2.81 7.71 -23.20
CA LYS A 266 -2.72 9.17 -23.14
C LYS A 266 -2.54 9.68 -21.72
N ARG A 267 -1.45 10.42 -21.53
CA ARG A 267 -1.12 11.00 -20.24
C ARG A 267 -0.83 12.51 -20.36
N LYS A 268 0.13 13.01 -19.59
CA LYS A 268 0.39 14.46 -19.55
C LYS A 268 1.63 15.07 -20.21
N THR A 269 2.18 14.38 -21.20
CA THR A 269 3.36 14.88 -21.91
C THR A 269 2.96 15.34 -23.31
N THR A 270 1.66 15.41 -23.55
CA THR A 270 1.14 15.81 -24.84
C THR A 270 0.15 16.97 -24.75
N LEU A 271 0.27 17.88 -25.71
CA LEU A 271 -0.60 19.05 -25.76
C LEU A 271 -0.49 19.62 -27.15
N ALA A 272 -1.55 20.32 -27.57
CA ALA A 272 -1.59 20.96 -28.87
C ALA A 272 -0.53 22.06 -28.76
N PRO A 273 0.16 22.39 -29.87
CA PRO A 273 1.22 23.39 -29.97
C PRO A 273 1.08 24.66 -29.13
N ASN A 274 1.17 25.80 -29.79
CA ASN A 274 1.05 27.09 -29.11
C ASN A 274 -0.24 27.07 -28.34
N THR A 275 -0.16 27.04 -27.02
CA THR A 275 -1.36 27.04 -26.20
C THR A 275 -1.56 28.40 -25.57
N GLN A 276 -2.71 28.98 -25.88
CA GLN A 276 -3.16 30.29 -25.44
C GLN A 276 -3.54 30.45 -23.96
N THR A 277 -2.78 29.85 -23.06
CA THR A 277 -3.06 29.94 -21.62
C THR A 277 -4.39 29.30 -21.23
N ALA A 278 -4.30 28.39 -20.25
CA ALA A 278 -5.48 27.67 -19.72
C ALA A 278 -5.05 26.63 -18.67
N SER A 279 -5.76 25.49 -18.69
CA SER A 279 -5.57 24.31 -17.84
C SER A 279 -6.11 24.29 -16.40
N PRO A 280 -7.27 23.63 -16.22
CA PRO A 280 -7.88 23.54 -14.89
C PRO A 280 -6.93 22.96 -13.84
N ARG A 281 -6.17 21.93 -14.21
CA ARG A 281 -5.24 21.36 -13.25
C ARG A 281 -4.14 22.38 -12.96
N ALA A 282 -3.80 23.17 -13.98
CA ALA A 282 -2.76 24.21 -13.84
C ALA A 282 -3.18 25.18 -12.75
N LEU A 283 -4.30 25.84 -13.00
CA LEU A 283 -4.84 26.80 -12.04
C LEU A 283 -4.96 26.08 -10.67
N ALA A 284 -5.48 24.86 -10.70
CA ALA A 284 -5.64 24.07 -9.48
C ALA A 284 -4.30 23.82 -8.81
N ASP A 285 -3.26 23.63 -9.60
CA ASP A 285 -1.93 23.39 -9.06
C ASP A 285 -1.43 24.67 -8.39
N SER A 286 -1.73 25.80 -9.01
CA SER A 286 -1.35 27.10 -8.47
C SER A 286 -2.08 27.27 -7.14
N LEU A 287 -3.38 26.96 -7.13
CA LEU A 287 -4.15 27.10 -5.93
C LEU A 287 -3.55 26.30 -4.82
N MET A 288 -3.17 25.06 -5.12
CA MET A 288 -2.55 24.15 -4.12
C MET A 288 -1.28 24.74 -3.50
N GLN A 289 -0.43 25.30 -4.35
CA GLN A 289 0.82 25.93 -3.91
C GLN A 289 0.51 27.25 -3.21
N LEU A 290 -0.54 27.92 -3.67
CA LEU A 290 -0.95 29.21 -3.09
C LEU A 290 -1.48 28.96 -1.68
N ALA A 291 -2.28 27.91 -1.59
CA ALA A 291 -2.93 27.46 -0.37
C ALA A 291 -1.93 27.03 0.71
N ARG A 292 -0.70 26.77 0.31
CA ARG A 292 0.34 26.37 1.27
C ARG A 292 0.97 27.58 1.98
N GLN A 293 1.22 28.65 1.23
CA GLN A 293 1.81 29.85 1.82
C GLN A 293 0.78 30.38 2.80
N VAL A 294 -0.48 30.25 2.40
CA VAL A 294 -1.58 30.70 3.23
C VAL A 294 -1.62 29.91 4.53
N SER A 295 -1.40 28.61 4.47
CA SER A 295 -1.41 27.81 5.69
C SER A 295 -0.32 28.30 6.63
N ARG A 296 0.84 28.62 6.05
CA ARG A 296 1.97 29.11 6.80
C ARG A 296 1.88 30.59 7.14
N LEU A 297 0.94 31.27 6.50
CA LEU A 297 0.71 32.67 6.76
C LEU A 297 0.52 32.88 8.27
N SER B 2 34.01 -20.13 -20.65
CA SER B 2 34.69 -20.95 -19.63
C SER B 2 33.78 -21.06 -18.39
N LEU B 3 34.37 -21.09 -17.20
CA LEU B 3 33.64 -21.18 -15.92
C LEU B 3 32.20 -20.65 -15.94
N LEU B 4 31.26 -21.59 -15.80
CA LEU B 4 29.84 -21.30 -15.79
C LEU B 4 29.51 -20.74 -14.41
N ILE B 5 29.00 -19.51 -14.39
CA ILE B 5 28.65 -18.81 -13.15
C ILE B 5 27.13 -18.71 -13.06
N GLY B 6 26.60 -18.99 -11.88
CA GLY B 6 25.16 -18.94 -11.71
C GLY B 6 24.73 -17.79 -10.83
N VAL B 7 23.74 -17.06 -11.32
CA VAL B 7 23.23 -15.94 -10.60
C VAL B 7 21.78 -16.28 -10.33
N ALA B 8 21.43 -16.33 -9.03
CA ALA B 8 20.08 -16.58 -8.55
C ALA B 8 19.75 -15.15 -8.17
N THR B 9 18.77 -14.56 -8.83
CA THR B 9 18.49 -13.15 -8.59
C THR B 9 17.07 -12.73 -8.18
N SER B 10 16.96 -11.62 -7.48
CA SER B 10 15.66 -11.11 -7.12
C SER B 10 15.10 -10.52 -8.43
N SER B 11 13.86 -10.07 -8.38
CA SER B 11 13.19 -9.51 -9.56
C SER B 11 14.02 -8.68 -10.52
N LEU B 12 14.09 -9.14 -11.75
CA LEU B 12 14.80 -8.41 -12.77
C LEU B 12 14.00 -7.16 -13.16
N ALA B 13 12.71 -7.15 -12.85
CA ALA B 13 11.90 -5.99 -13.18
C ALA B 13 12.46 -4.76 -12.50
N LEU B 14 13.00 -4.94 -11.29
CA LEU B 14 13.62 -3.84 -10.54
C LEU B 14 14.92 -3.47 -11.25
N HIS B 15 15.35 -2.23 -11.10
CA HIS B 15 16.55 -1.76 -11.77
C HIS B 15 17.90 -2.20 -11.24
N ALA B 16 18.08 -2.15 -9.92
CA ALA B 16 19.37 -2.54 -9.35
C ALA B 16 19.71 -3.95 -9.75
N PRO B 17 18.86 -4.94 -9.43
CA PRO B 17 19.11 -6.36 -9.80
C PRO B 17 19.51 -6.54 -11.28
N SER B 18 18.87 -5.79 -12.16
CA SER B 18 19.15 -5.83 -13.60
C SER B 18 20.53 -5.28 -13.90
N GLN B 19 20.86 -4.19 -13.23
CA GLN B 19 22.18 -3.58 -13.40
C GLN B 19 23.25 -4.49 -12.81
N ILE B 20 22.99 -5.12 -11.67
CA ILE B 20 23.96 -6.00 -11.05
C ILE B 20 24.21 -7.23 -11.92
N VAL B 21 23.14 -7.75 -12.54
CA VAL B 21 23.25 -8.92 -13.42
C VAL B 21 23.94 -8.57 -14.75
N ALA B 22 23.74 -7.36 -15.26
CA ALA B 22 24.39 -6.96 -16.51
C ALA B 22 25.87 -6.67 -16.27
N ALA B 23 26.16 -6.14 -15.08
CA ALA B 23 27.51 -5.80 -14.67
C ALA B 23 28.23 -7.11 -14.60
N ILE B 24 27.63 -8.06 -13.88
CA ILE B 24 28.19 -9.42 -13.72
C ILE B 24 28.55 -9.95 -15.10
N LYS B 25 27.62 -9.85 -16.03
CA LYS B 25 27.86 -10.31 -17.38
C LYS B 25 29.07 -9.60 -18.05
N SER B 26 29.30 -8.33 -17.76
CA SER B 26 30.45 -7.65 -18.36
C SER B 26 31.76 -8.32 -17.96
N ARG B 27 31.96 -8.52 -16.67
CA ARG B 27 33.18 -9.16 -16.17
C ARG B 27 33.34 -10.54 -16.77
N ALA B 28 32.33 -11.39 -16.57
CA ALA B 28 32.31 -12.74 -17.09
C ALA B 28 32.85 -12.76 -18.52
N ASP B 29 32.36 -11.85 -19.36
CA ASP B 29 32.82 -11.77 -20.74
C ASP B 29 34.30 -11.38 -20.91
N GLN B 30 34.88 -10.71 -19.92
CA GLN B 30 36.28 -10.31 -19.98
C GLN B 30 37.21 -11.35 -19.39
N LEU B 31 36.68 -12.10 -18.43
CA LEU B 31 37.47 -13.15 -17.79
C LEU B 31 37.03 -14.50 -18.37
N GLY B 32 36.60 -14.49 -19.62
CA GLY B 32 36.14 -15.69 -20.29
C GLY B 32 35.15 -16.58 -19.55
N ALA B 33 34.47 -16.07 -18.53
CA ALA B 33 33.49 -16.85 -17.79
C ALA B 33 32.18 -16.99 -18.59
N SER B 34 31.15 -17.55 -17.96
CA SER B 34 29.83 -17.72 -18.58
C SER B 34 28.85 -17.51 -17.44
N VAL B 35 27.67 -16.99 -17.75
CA VAL B 35 26.67 -16.74 -16.71
C VAL B 35 25.33 -17.31 -17.10
N VAL B 36 24.66 -17.84 -16.09
CA VAL B 36 23.35 -18.46 -16.19
C VAL B 36 22.61 -17.83 -15.05
N VAL B 37 21.51 -17.18 -15.39
CA VAL B 37 20.70 -16.52 -14.38
C VAL B 37 19.51 -17.39 -14.16
N SER B 38 19.05 -17.41 -12.92
CA SER B 38 17.93 -18.19 -12.42
C SER B 38 17.21 -17.20 -11.52
N MET B 39 15.95 -16.95 -11.82
CA MET B 39 15.18 -15.99 -11.04
C MET B 39 14.46 -16.58 -9.82
N VAL B 40 14.38 -15.84 -8.71
CA VAL B 40 13.69 -16.34 -7.54
C VAL B 40 12.24 -15.80 -7.57
N GLU B 41 11.29 -16.57 -7.03
CA GLU B 41 9.87 -16.18 -7.04
C GLU B 41 9.43 -15.31 -5.86
N ARG B 42 10.39 -14.68 -5.19
CA ARG B 42 10.16 -13.83 -4.02
C ARG B 42 9.32 -14.44 -2.90
N SER B 43 9.78 -15.59 -2.42
CA SER B 43 9.09 -16.30 -1.36
C SER B 43 10.11 -16.77 -0.31
N GLY B 44 11.07 -15.91 0.01
CA GLY B 44 12.07 -16.23 1.01
C GLY B 44 13.04 -17.37 0.72
N VAL B 45 13.49 -18.02 1.80
CA VAL B 45 14.46 -19.14 1.74
C VAL B 45 14.19 -20.23 0.76
N GLU B 46 12.99 -20.79 0.83
CA GLU B 46 12.61 -21.88 -0.06
C GLU B 46 12.69 -21.46 -1.51
N ALA B 47 12.04 -20.34 -1.84
CA ALA B 47 12.04 -19.84 -3.20
C ALA B 47 13.46 -19.68 -3.64
N CYS B 48 14.26 -19.20 -2.70
CA CYS B 48 15.67 -18.97 -2.92
C CYS B 48 16.42 -20.30 -3.13
N LYS B 49 16.09 -21.32 -2.36
CA LYS B 49 16.75 -22.61 -2.46
C LYS B 49 16.58 -23.26 -3.83
N ALA B 50 15.34 -23.41 -4.27
CA ALA B 50 15.03 -24.01 -5.59
C ALA B 50 15.87 -23.43 -6.71
N ALA B 51 16.12 -22.13 -6.64
CA ALA B 51 16.92 -21.44 -7.64
C ALA B 51 18.29 -22.06 -7.57
N VAL B 52 18.86 -22.10 -6.36
CA VAL B 52 20.18 -22.67 -6.15
C VAL B 52 20.12 -24.08 -6.73
N HIS B 53 19.14 -24.86 -6.30
CA HIS B 53 18.96 -26.21 -6.80
C HIS B 53 18.96 -26.24 -8.32
N ASN B 54 18.33 -25.25 -8.96
CA ASN B 54 18.26 -25.19 -10.42
C ASN B 54 19.62 -24.89 -11.00
N LEU B 55 20.38 -24.08 -10.28
CA LEU B 55 21.71 -23.69 -10.71
C LEU B 55 22.72 -24.82 -10.59
N LEU B 56 22.72 -25.51 -9.45
CA LEU B 56 23.65 -26.63 -9.22
C LEU B 56 23.41 -27.66 -10.30
N ALA B 57 22.13 -27.95 -10.51
CA ALA B 57 21.73 -28.89 -11.54
C ALA B 57 22.10 -28.32 -12.91
N GLN B 58 22.65 -27.11 -12.92
CA GLN B 58 23.04 -26.45 -14.16
C GLN B 58 24.55 -26.55 -14.41
N ARG B 59 25.24 -27.38 -13.62
CA ARG B 59 26.68 -27.57 -13.77
C ARG B 59 27.35 -26.25 -13.43
N VAL B 60 26.72 -25.50 -12.54
CA VAL B 60 27.22 -24.20 -12.13
C VAL B 60 28.56 -24.35 -11.41
N SER B 61 29.59 -23.68 -11.91
CA SER B 61 30.92 -23.73 -11.29
C SER B 61 31.08 -22.70 -10.16
N GLY B 62 30.06 -21.88 -9.96
CA GLY B 62 30.10 -20.87 -8.91
C GLY B 62 28.74 -20.24 -8.77
N LEU B 63 28.44 -19.71 -7.57
CA LEU B 63 27.16 -19.10 -7.30
C LEU B 63 27.24 -17.71 -6.68
N ILE B 64 26.37 -16.81 -7.15
CA ILE B 64 26.26 -15.45 -6.64
C ILE B 64 24.79 -15.34 -6.31
N ILE B 65 24.47 -15.13 -5.05
CA ILE B 65 23.08 -15.03 -4.65
C ILE B 65 22.65 -13.59 -4.45
N ASN B 66 22.07 -12.97 -5.48
CA ASN B 66 21.59 -11.60 -5.32
C ASN B 66 20.10 -11.66 -4.94
N TYR B 67 19.85 -11.98 -3.68
CA TYR B 67 18.51 -12.09 -3.16
C TYR B 67 18.56 -11.80 -1.68
N PRO B 68 17.64 -10.96 -1.18
CA PRO B 68 17.59 -10.61 0.24
C PRO B 68 17.34 -11.82 1.12
N LEU B 69 18.39 -12.24 1.82
CA LEU B 69 18.32 -13.40 2.67
C LEU B 69 18.61 -13.09 4.12
N ASP B 70 17.60 -13.30 4.95
CA ASP B 70 17.73 -13.07 6.37
C ASP B 70 18.74 -14.09 6.90
N ASP B 71 19.75 -13.56 7.62
CA ASP B 71 20.85 -14.33 8.20
C ASP B 71 20.71 -15.84 8.35
N GLN B 72 19.67 -16.32 9.01
CA GLN B 72 19.50 -17.78 9.14
C GLN B 72 19.43 -18.43 7.74
N ASP B 73 18.62 -17.82 6.88
CA ASP B 73 18.38 -18.25 5.50
C ASP B 73 19.59 -18.08 4.61
N ALA B 74 20.48 -17.16 4.98
CA ALA B 74 21.70 -16.94 4.20
C ALA B 74 22.55 -18.18 4.41
N ILE B 75 22.80 -18.50 5.67
CA ILE B 75 23.59 -19.68 6.02
C ILE B 75 22.93 -20.90 5.41
N ALA B 76 21.60 -20.96 5.48
CA ALA B 76 20.83 -22.06 4.91
C ALA B 76 21.07 -22.20 3.40
N VAL B 77 21.01 -21.10 2.67
CA VAL B 77 21.26 -21.20 1.23
C VAL B 77 22.72 -21.58 1.04
N GLU B 78 23.57 -21.18 1.98
CA GLU B 78 24.98 -21.52 1.88
C GLU B 78 25.09 -23.04 1.89
N ALA B 79 24.45 -23.65 2.88
CA ALA B 79 24.44 -25.10 3.07
C ALA B 79 23.95 -25.80 1.80
N ALA B 80 23.04 -25.14 1.08
CA ALA B 80 22.45 -25.67 -0.15
C ALA B 80 23.45 -25.64 -1.30
N CYS B 81 24.46 -24.78 -1.18
CA CYS B 81 25.48 -24.67 -2.22
C CYS B 81 26.44 -25.85 -2.16
N THR B 82 25.96 -27.03 -2.54
CA THR B 82 26.77 -28.24 -2.50
C THR B 82 28.06 -28.09 -3.31
N ASN B 83 29.19 -28.12 -2.59
CA ASN B 83 30.56 -28.00 -3.12
C ASN B 83 30.90 -26.92 -4.16
N VAL B 84 30.11 -25.86 -4.17
CA VAL B 84 30.30 -24.73 -5.10
C VAL B 84 30.43 -23.48 -4.21
N PRO B 85 31.42 -22.61 -4.50
CA PRO B 85 31.60 -21.39 -3.70
C PRO B 85 30.35 -20.54 -3.83
N ALA B 86 29.85 -20.01 -2.71
CA ALA B 86 28.66 -19.19 -2.72
C ALA B 86 29.01 -17.77 -2.31
N LEU B 87 28.70 -16.82 -3.18
CA LEU B 87 28.96 -15.41 -2.90
C LEU B 87 27.60 -14.70 -2.86
N PHE B 88 27.28 -14.18 -1.69
CA PHE B 88 26.02 -13.50 -1.47
C PHE B 88 26.14 -12.00 -1.66
N LEU B 89 25.06 -11.38 -2.14
CA LEU B 89 25.04 -9.96 -2.39
C LEU B 89 23.95 -9.16 -1.67
N ASP B 90 22.90 -9.80 -1.17
CA ASP B 90 21.85 -9.04 -0.49
C ASP B 90 21.63 -9.57 0.93
N VAL B 91 22.66 -9.50 1.75
CA VAL B 91 22.63 -9.98 3.13
C VAL B 91 23.14 -8.90 4.11
N SER B 92 23.36 -9.29 5.36
CA SER B 92 23.87 -8.41 6.40
C SER B 92 25.36 -8.48 6.50
N ASP B 93 25.94 -7.48 7.15
CA ASP B 93 27.38 -7.42 7.34
C ASP B 93 27.83 -8.46 8.37
N GLN B 94 26.88 -8.95 9.17
CA GLN B 94 27.20 -9.90 10.20
C GLN B 94 26.56 -11.27 10.07
N THR B 95 27.11 -12.08 9.16
CA THR B 95 26.67 -13.46 8.88
C THR B 95 27.94 -14.10 8.34
N PRO B 96 28.41 -15.21 8.96
CA PRO B 96 29.63 -15.89 8.50
C PRO B 96 29.44 -16.59 7.16
N ILE B 97 29.55 -15.85 6.07
CA ILE B 97 29.39 -16.37 4.71
C ILE B 97 30.22 -15.46 3.80
N ASN B 98 30.39 -15.86 2.54
CA ASN B 98 31.15 -15.06 1.55
C ASN B 98 30.23 -14.01 0.98
N SER B 99 30.30 -12.79 1.51
CA SER B 99 29.42 -11.72 1.06
C SER B 99 30.13 -10.48 0.62
N ILE B 100 29.62 -9.84 -0.42
CA ILE B 100 30.21 -8.61 -0.87
C ILE B 100 29.04 -7.65 -0.77
N ILE B 101 28.94 -6.88 0.31
CA ILE B 101 27.83 -5.94 0.48
C ILE B 101 28.26 -4.44 0.62
N PHE B 102 27.35 -3.52 0.31
CA PHE B 102 27.63 -2.08 0.39
C PHE B 102 27.49 -1.63 1.83
N SER B 103 28.12 -0.50 2.14
CA SER B 103 28.09 0.07 3.47
C SER B 103 26.85 0.91 3.66
N HIS B 104 25.90 0.36 4.42
CA HIS B 104 24.67 1.05 4.68
C HIS B 104 24.86 2.10 5.78
N GLU B 105 25.87 1.93 6.63
CA GLU B 105 26.11 2.90 7.69
C GLU B 105 26.40 4.24 7.02
N ASP B 106 27.23 4.18 5.97
CA ASP B 106 27.59 5.38 5.24
C ASP B 106 26.43 5.88 4.43
N GLY B 107 25.73 4.97 3.76
CA GLY B 107 24.58 5.37 2.97
C GLY B 107 23.54 6.12 3.80
N THR B 108 23.22 5.56 4.94
CA THR B 108 22.23 6.15 5.80
C THR B 108 22.74 7.47 6.42
N ARG B 109 24.03 7.51 6.76
CA ARG B 109 24.65 8.68 7.36
C ARG B 109 24.76 9.88 6.42
N LEU B 110 25.24 9.65 5.21
CA LEU B 110 25.40 10.69 4.19
C LEU B 110 24.05 11.27 3.86
N GLY B 111 23.05 10.41 3.86
CA GLY B 111 21.70 10.87 3.58
C GLY B 111 21.22 11.75 4.71
N VAL B 112 21.15 11.19 5.93
CA VAL B 112 20.68 11.91 7.10
C VAL B 112 21.45 13.17 7.37
N GLU B 113 22.77 13.10 7.31
CA GLU B 113 23.64 14.27 7.56
C GLU B 113 23.42 15.40 6.55
N HIS B 114 23.10 15.00 5.32
CA HIS B 114 22.85 15.95 4.27
C HIS B 114 21.59 16.73 4.56
N LEU B 115 20.49 16.02 4.77
CA LEU B 115 19.21 16.60 5.05
C LEU B 115 19.23 17.44 6.32
N VAL B 116 20.02 17.03 7.31
CA VAL B 116 20.05 17.83 8.53
C VAL B 116 20.87 19.10 8.36
N ALA B 117 21.85 19.06 7.48
CA ALA B 117 22.69 20.21 7.24
C ALA B 117 21.93 21.36 6.55
N LEU B 118 20.99 21.01 5.67
CA LEU B 118 20.23 22.03 4.97
C LEU B 118 19.30 22.73 5.92
N GLY B 119 19.05 22.11 7.06
CA GLY B 119 18.14 22.69 8.04
C GLY B 119 16.80 21.98 8.13
N HIS B 120 16.72 20.75 7.63
CA HIS B 120 15.50 19.97 7.68
C HIS B 120 15.34 19.45 9.08
N GLN B 121 14.11 19.46 9.55
CA GLN B 121 13.77 19.02 10.87
C GLN B 121 12.68 17.96 10.73
N GLN B 122 11.73 18.22 9.83
CA GLN B 122 10.62 17.31 9.58
C GLN B 122 10.98 16.40 8.42
N ILE B 123 11.49 15.24 8.76
CA ILE B 123 11.91 14.29 7.74
C ILE B 123 11.06 13.03 7.86
N ALA B 124 10.47 12.62 6.74
CA ALA B 124 9.68 11.38 6.68
C ALA B 124 10.52 10.32 5.95
N LEU B 125 10.31 9.05 6.29
CA LEU B 125 11.05 7.95 5.68
C LEU B 125 10.12 7.14 4.78
N LEU B 126 10.69 6.48 3.77
CA LEU B 126 9.94 5.63 2.85
C LEU B 126 10.81 4.38 2.66
N ALA B 127 10.78 3.51 3.66
CA ALA B 127 11.58 2.29 3.66
C ALA B 127 11.23 1.30 2.56
N GLY B 128 12.14 0.36 2.30
CA GLY B 128 11.83 -0.64 1.30
C GLY B 128 10.99 -1.68 2.05
N PRO B 129 10.63 -2.80 1.43
CA PRO B 129 9.83 -3.82 2.12
C PRO B 129 10.60 -4.41 3.29
N LEU B 130 10.05 -4.32 4.49
CA LEU B 130 10.70 -4.84 5.69
C LEU B 130 11.07 -6.33 5.70
N SER B 131 10.63 -7.07 4.68
CA SER B 131 10.96 -8.47 4.58
C SER B 131 12.37 -8.58 4.02
N SER B 132 12.94 -7.43 3.66
CA SER B 132 14.28 -7.32 3.08
C SER B 132 15.29 -6.96 4.15
N VAL B 133 16.45 -7.58 4.07
CA VAL B 133 17.51 -7.32 5.03
C VAL B 133 18.00 -5.90 4.79
N SER B 134 18.30 -5.60 3.52
CA SER B 134 18.80 -4.30 3.11
C SER B 134 17.80 -3.18 3.40
N ALA B 135 16.51 -3.44 3.16
CA ALA B 135 15.49 -2.46 3.44
C ALA B 135 15.57 -2.20 4.94
N ARG B 136 15.72 -3.27 5.72
CA ARG B 136 15.82 -3.16 7.20
C ARG B 136 17.11 -2.54 7.73
N LEU B 137 18.21 -2.68 7.01
CA LEU B 137 19.45 -2.12 7.46
C LEU B 137 19.41 -0.61 7.27
N ARG B 138 19.06 -0.18 6.06
CA ARG B 138 18.96 1.24 5.70
C ARG B 138 17.94 1.94 6.59
N LEU B 139 16.77 1.34 6.79
CA LEU B 139 15.78 1.95 7.66
C LEU B 139 16.42 2.24 9.01
N ALA B 140 17.09 1.24 9.56
CA ALA B 140 17.76 1.35 10.85
C ALA B 140 18.73 2.51 10.89
N GLY B 141 19.61 2.59 9.89
CA GLY B 141 20.58 3.66 9.84
C GLY B 141 19.94 5.03 9.93
N TRP B 142 18.80 5.21 9.27
CA TRP B 142 18.12 6.50 9.30
C TRP B 142 17.81 6.78 10.76
N HIS B 143 17.38 5.75 11.45
CA HIS B 143 17.07 5.92 12.86
C HIS B 143 18.35 6.24 13.63
N LYS B 144 19.33 5.34 13.57
CA LYS B 144 20.61 5.49 14.28
C LYS B 144 21.20 6.85 14.13
N TYR B 145 21.08 7.42 12.95
CA TYR B 145 21.63 8.73 12.76
C TYR B 145 20.63 9.85 13.04
N LEU B 146 19.35 9.62 12.73
CA LEU B 146 18.34 10.64 12.95
C LEU B 146 18.35 11.04 14.40
N THR B 147 18.39 10.04 15.27
CA THR B 147 18.40 10.30 16.70
C THR B 147 19.70 11.01 17.07
N ARG B 148 20.80 10.63 16.44
CA ARG B 148 22.09 11.25 16.71
C ARG B 148 21.88 12.77 16.70
N ASN B 149 21.34 13.26 15.58
CA ASN B 149 21.10 14.69 15.39
C ASN B 149 19.74 15.08 15.96
N GLN B 150 19.40 14.42 17.07
CA GLN B 150 18.16 14.64 17.80
C GLN B 150 16.98 15.08 16.96
N ILE B 151 16.68 14.26 15.95
CA ILE B 151 15.54 14.50 15.06
C ILE B 151 14.83 13.16 14.91
N GLN B 152 13.51 13.21 14.82
CA GLN B 152 12.70 12.00 14.67
C GLN B 152 11.70 12.16 13.53
N PRO B 153 11.58 11.13 12.69
CA PRO B 153 10.65 11.17 11.56
C PRO B 153 9.26 11.47 12.01
N ILE B 154 8.58 12.28 11.20
CA ILE B 154 7.20 12.68 11.44
C ILE B 154 6.36 11.68 10.68
N ALA B 155 7.02 10.73 10.04
CA ALA B 155 6.36 9.70 9.29
C ALA B 155 7.36 8.64 8.96
N GLU B 156 6.84 7.44 8.75
CA GLU B 156 7.65 6.31 8.41
C GLU B 156 6.64 5.47 7.67
N ARG B 157 7.06 4.89 6.55
CA ARG B 157 6.21 4.03 5.75
C ARG B 157 7.08 3.18 4.88
N GLU B 158 6.48 2.19 4.23
CA GLU B 158 7.31 1.33 3.39
C GLU B 158 6.53 0.86 2.16
N GLY B 159 7.30 0.84 1.06
CA GLY B 159 6.82 0.43 -0.23
C GLY B 159 7.47 -0.87 -0.64
N ASP B 160 7.30 -1.25 -1.90
CA ASP B 160 7.85 -2.51 -2.36
C ASP B 160 8.98 -2.40 -3.37
N TRP B 161 9.66 -1.25 -3.39
CA TRP B 161 10.77 -0.98 -4.32
C TRP B 161 10.30 -0.51 -5.71
N SER B 162 9.02 -0.17 -5.82
CA SER B 162 8.45 0.28 -7.11
C SER B 162 8.13 1.75 -7.05
N ALA B 163 8.06 2.39 -8.24
CA ALA B 163 7.75 3.80 -8.34
C ALA B 163 6.29 4.02 -8.04
N MET B 164 5.47 3.00 -8.26
CA MET B 164 4.06 3.14 -7.96
C MET B 164 3.86 3.16 -6.44
N SER B 165 4.55 2.27 -5.70
CA SER B 165 4.46 2.18 -4.22
C SER B 165 5.04 3.43 -3.58
N GLY B 166 5.96 4.08 -4.29
CA GLY B 166 6.55 5.31 -3.78
C GLY B 166 5.48 6.36 -3.96
N PHE B 167 4.86 6.36 -5.13
CA PHE B 167 3.78 7.28 -5.41
C PHE B 167 2.65 7.07 -4.40
N GLN B 168 2.01 5.91 -4.43
CA GLN B 168 0.92 5.57 -3.50
C GLN B 168 1.20 5.93 -2.02
N GLN B 169 2.34 5.47 -1.49
CA GLN B 169 2.74 5.72 -0.12
C GLN B 169 3.02 7.17 0.20
N THR B 170 3.59 7.90 -0.76
CA THR B 170 3.86 9.31 -0.54
C THR B 170 2.53 10.06 -0.61
N MET B 171 1.75 9.76 -1.63
CA MET B 171 0.44 10.37 -1.86
C MET B 171 -0.41 10.14 -0.61
N GLN B 172 -0.29 8.96 -0.02
CA GLN B 172 -1.03 8.60 1.18
C GLN B 172 -0.59 9.42 2.40
N MET B 173 0.71 9.67 2.51
CA MET B 173 1.27 10.44 3.63
C MET B 173 0.79 11.90 3.54
N LEU B 174 0.78 12.45 2.34
CA LEU B 174 0.33 13.82 2.11
C LEU B 174 -1.17 13.92 2.27
N ASN B 175 -1.92 12.97 1.72
CA ASN B 175 -3.40 12.94 1.80
C ASN B 175 -3.92 12.93 3.22
N GLU B 176 -3.05 12.65 4.16
CA GLU B 176 -3.48 12.63 5.56
C GLU B 176 -2.87 13.78 6.33
N GLY B 177 -2.45 14.81 5.60
CA GLY B 177 -1.86 15.99 6.23
C GLY B 177 -0.42 15.86 6.69
N ILE B 178 0.16 14.68 6.55
CA ILE B 178 1.54 14.50 6.95
C ILE B 178 2.37 15.11 5.84
N VAL B 179 2.96 16.28 6.08
CA VAL B 179 3.80 16.94 5.08
C VAL B 179 5.12 17.50 5.62
N PRO B 180 6.19 16.69 5.56
CA PRO B 180 7.51 17.08 6.04
C PRO B 180 8.22 18.01 5.08
N THR B 181 9.39 18.47 5.50
CA THR B 181 10.20 19.35 4.68
C THR B 181 11.06 18.48 3.76
N ALA B 182 11.30 17.23 4.14
CA ALA B 182 12.13 16.33 3.34
C ALA B 182 11.73 14.89 3.50
N MET B 183 12.26 14.08 2.60
CA MET B 183 12.03 12.63 2.57
C MET B 183 13.33 11.84 2.32
N LEU B 184 13.45 10.70 2.96
CA LEU B 184 14.59 9.82 2.78
C LEU B 184 13.94 8.60 2.17
N VAL B 185 14.23 8.32 0.91
CA VAL B 185 13.65 7.17 0.25
C VAL B 185 14.70 6.03 0.16
N ALA B 186 14.24 4.78 0.26
CA ALA B 186 15.14 3.63 0.27
C ALA B 186 15.66 3.13 -1.08
N ASN B 187 15.30 3.83 -2.13
CA ASN B 187 15.74 3.55 -3.49
C ASN B 187 15.13 4.58 -4.44
N ASP B 188 15.78 4.73 -5.58
CA ASP B 188 15.37 5.72 -6.54
C ASP B 188 14.09 5.43 -7.30
N GLN B 189 13.75 4.15 -7.44
CA GLN B 189 12.54 3.86 -8.16
C GLN B 189 11.42 4.47 -7.39
N MET B 190 11.43 4.30 -6.06
CA MET B 190 10.41 4.85 -5.19
C MET B 190 10.58 6.36 -5.11
N ALA B 191 11.82 6.82 -5.26
CA ALA B 191 12.06 8.27 -5.21
C ALA B 191 11.22 8.91 -6.32
N LEU B 192 11.17 8.25 -7.47
CA LEU B 192 10.42 8.74 -8.63
C LEU B 192 8.94 8.98 -8.33
N GLY B 193 8.30 7.99 -7.75
CA GLY B 193 6.89 8.11 -7.41
C GLY B 193 6.67 9.20 -6.37
N ALA B 194 7.56 9.26 -5.37
CA ALA B 194 7.49 10.26 -4.31
C ALA B 194 7.52 11.65 -4.93
N MET B 195 8.45 11.90 -5.85
CA MET B 195 8.53 13.18 -6.56
C MET B 195 7.24 13.44 -7.33
N ARG B 196 6.76 12.39 -8.00
CA ARG B 196 5.53 12.43 -8.79
C ARG B 196 4.33 12.74 -7.92
N ALA B 197 4.35 12.25 -6.68
CA ALA B 197 3.25 12.44 -5.74
C ALA B 197 3.23 13.83 -5.19
N ILE B 198 4.42 14.29 -4.82
CA ILE B 198 4.64 15.61 -4.27
C ILE B 198 4.14 16.63 -5.31
N THR B 199 4.72 16.58 -6.51
CA THR B 199 4.32 17.48 -7.56
C THR B 199 2.82 17.39 -7.72
N GLU B 200 2.32 16.19 -7.94
CA GLU B 200 0.89 15.88 -8.09
C GLU B 200 0.00 16.59 -7.06
N SER B 201 0.61 17.06 -5.97
CA SER B 201 -0.10 17.76 -4.91
C SER B 201 0.32 19.22 -4.91
N GLY B 202 0.55 19.75 -6.10
CA GLY B 202 0.96 21.14 -6.22
C GLY B 202 2.04 21.44 -5.19
N LEU B 203 3.07 20.60 -5.14
CA LEU B 203 4.17 20.79 -4.21
C LEU B 203 5.43 20.75 -5.06
N ARG B 204 6.44 21.50 -4.66
CA ARG B 204 7.67 21.56 -5.42
C ARG B 204 8.81 20.72 -4.83
N VAL B 205 9.40 19.86 -5.64
CA VAL B 205 10.52 19.01 -5.20
C VAL B 205 11.76 19.87 -4.93
N GLY B 206 12.44 19.60 -3.82
CA GLY B 206 13.63 20.35 -3.45
C GLY B 206 13.28 21.63 -2.74
N ALA B 207 12.51 22.45 -3.45
CA ALA B 207 12.04 23.74 -2.96
C ALA B 207 11.14 23.53 -1.74
N ASP B 208 10.05 22.78 -1.96
CA ASP B 208 9.08 22.45 -0.93
C ASP B 208 9.45 21.13 -0.22
N ILE B 209 9.39 20.02 -0.94
CA ILE B 209 9.74 18.72 -0.38
C ILE B 209 11.04 18.16 -0.95
N SER B 210 12.06 18.00 -0.11
CA SER B 210 13.34 17.44 -0.55
C SER B 210 13.24 15.91 -0.56
N VAL B 211 13.93 15.27 -1.50
CA VAL B 211 13.92 13.82 -1.63
C VAL B 211 15.34 13.35 -1.82
N VAL B 212 15.70 12.28 -1.13
CA VAL B 212 17.02 11.70 -1.22
C VAL B 212 16.81 10.19 -1.50
N GLY B 213 17.19 9.72 -2.68
CA GLY B 213 17.00 8.32 -2.97
C GLY B 213 18.20 7.46 -2.59
N TYR B 214 18.16 6.17 -2.89
CA TYR B 214 19.25 5.29 -2.55
C TYR B 214 19.52 4.33 -3.69
N ASP B 215 20.75 4.32 -4.20
CA ASP B 215 21.23 3.45 -5.28
C ASP B 215 22.07 4.16 -6.32
N ASP B 216 21.36 4.99 -7.07
CA ASP B 216 21.80 5.75 -8.24
C ASP B 216 21.69 4.91 -9.51
N THR B 217 20.48 4.43 -9.81
CA THR B 217 20.30 3.66 -11.01
C THR B 217 20.44 4.53 -12.28
N GLU B 218 20.62 3.90 -13.44
CA GLU B 218 20.80 4.65 -14.67
C GLU B 218 19.92 5.90 -14.88
N ASP B 219 18.65 5.83 -14.48
CA ASP B 219 17.73 6.95 -14.73
C ASP B 219 17.78 8.14 -13.81
N SER B 220 18.15 7.92 -12.56
CA SER B 220 18.13 9.01 -11.61
C SER B 220 18.69 10.32 -12.17
N SER B 221 19.87 10.28 -12.80
CA SER B 221 20.43 11.49 -13.37
C SER B 221 19.41 11.68 -14.46
N CYS B 222 18.90 12.87 -14.65
CA CYS B 222 17.87 13.04 -15.67
C CYS B 222 16.43 12.54 -15.35
N TYR B 223 16.10 12.66 -14.06
CA TYR B 223 14.77 12.41 -13.50
C TYR B 223 14.34 13.90 -13.40
N ILE B 224 13.16 14.21 -12.89
CA ILE B 224 12.72 15.60 -12.88
C ILE B 224 12.13 16.19 -11.59
N PRO B 225 12.93 17.01 -10.86
CA PRO B 225 14.32 17.40 -11.18
C PRO B 225 15.30 16.23 -11.00
N PRO B 226 16.59 16.43 -11.31
CA PRO B 226 17.49 15.29 -11.10
C PRO B 226 17.56 14.91 -9.64
N LEU B 227 17.85 13.63 -9.40
CA LEU B 227 17.86 13.10 -8.07
C LEU B 227 19.18 13.04 -7.30
N THR B 228 19.23 13.66 -6.11
CA THR B 228 20.43 13.57 -5.28
C THR B 228 20.22 12.26 -4.55
N THR B 229 21.19 11.38 -4.67
CA THR B 229 21.04 10.03 -4.17
C THR B 229 22.35 9.41 -3.68
N ILE B 230 22.20 8.36 -2.87
CA ILE B 230 23.33 7.61 -2.32
C ILE B 230 23.81 6.67 -3.40
N LYS B 231 25.05 6.87 -3.83
CA LYS B 231 25.67 6.05 -4.86
C LYS B 231 26.19 4.63 -4.45
N GLN B 232 25.64 3.61 -5.10
CA GLN B 232 26.02 2.22 -4.90
C GLN B 232 26.46 1.80 -6.27
N ASP B 233 27.77 1.63 -6.47
CA ASP B 233 28.34 1.29 -7.76
C ASP B 233 28.11 -0.16 -8.15
N PHE B 234 27.11 -0.42 -8.99
CA PHE B 234 26.82 -1.79 -9.43
C PHE B 234 27.83 -2.33 -10.47
N ARG B 235 28.56 -1.45 -11.17
CA ARG B 235 29.57 -1.89 -12.13
C ARG B 235 30.75 -2.47 -11.31
N LEU B 236 30.89 -2.00 -10.06
CA LEU B 236 31.94 -2.45 -9.14
C LEU B 236 31.49 -3.77 -8.57
N LEU B 237 30.26 -3.83 -8.07
CA LEU B 237 29.70 -5.05 -7.50
C LEU B 237 29.93 -6.22 -8.42
N GLY B 238 29.47 -6.08 -9.65
CA GLY B 238 29.65 -7.15 -10.61
C GLY B 238 31.08 -7.63 -10.78
N GLN B 239 32.01 -6.70 -11.00
CA GLN B 239 33.40 -7.08 -11.21
C GLN B 239 33.97 -7.74 -9.97
N THR B 240 33.59 -7.27 -8.78
CA THR B 240 34.11 -7.86 -7.55
C THR B 240 33.62 -9.29 -7.41
N SER B 241 32.35 -9.52 -7.72
CA SER B 241 31.75 -10.85 -7.63
C SER B 241 32.36 -11.85 -8.62
N VAL B 242 32.44 -11.51 -9.90
CA VAL B 242 33.01 -12.41 -10.87
C VAL B 242 34.47 -12.68 -10.54
N ASP B 243 35.25 -11.62 -10.33
CA ASP B 243 36.67 -11.74 -9.99
C ASP B 243 36.87 -12.63 -8.78
N ARG B 244 36.17 -12.31 -7.69
CA ARG B 244 36.29 -13.09 -6.47
C ARG B 244 35.68 -14.47 -6.62
N LEU B 245 34.64 -14.62 -7.41
CA LEU B 245 34.03 -15.93 -7.57
C LEU B 245 35.06 -16.80 -8.27
N LEU B 246 35.66 -16.26 -9.32
CA LEU B 246 36.66 -17.00 -10.06
C LEU B 246 37.78 -17.41 -9.10
N GLN B 247 38.37 -16.41 -8.43
CA GLN B 247 39.45 -16.64 -7.47
C GLN B 247 39.01 -17.66 -6.43
N LEU B 248 37.86 -17.44 -5.82
CA LEU B 248 37.32 -18.34 -4.81
C LEU B 248 37.23 -19.77 -5.32
N SER B 249 36.98 -19.94 -6.62
CA SER B 249 36.92 -21.28 -7.20
C SER B 249 38.32 -21.63 -7.73
N GLN B 250 39.14 -20.60 -7.92
CA GLN B 250 40.51 -20.75 -8.39
C GLN B 250 41.35 -21.23 -7.21
N GLY B 251 40.72 -21.33 -6.04
CA GLY B 251 41.40 -21.79 -4.84
C GLY B 251 41.72 -20.70 -3.82
N GLN B 252 41.82 -19.47 -4.30
CA GLN B 252 42.13 -18.30 -3.48
C GLN B 252 41.36 -18.19 -2.16
N ALA B 253 42.06 -17.71 -1.15
CA ALA B 253 41.46 -17.53 0.16
C ALA B 253 40.86 -16.15 0.25
N VAL B 254 39.58 -16.03 -0.12
CA VAL B 254 38.87 -14.76 -0.08
C VAL B 254 37.96 -14.71 1.17
N LYS B 255 37.27 -15.81 1.43
CA LYS B 255 36.40 -15.96 2.60
C LYS B 255 35.20 -15.06 2.91
N GLY B 256 35.34 -14.20 3.92
CA GLY B 256 34.23 -13.38 4.38
C GLY B 256 33.52 -12.26 3.64
N ASN B 257 33.08 -11.28 4.45
CA ASN B 257 32.34 -10.08 4.03
C ASN B 257 33.22 -9.06 3.36
N GLN B 258 32.63 -8.33 2.41
CA GLN B 258 33.31 -7.28 1.68
C GLN B 258 32.37 -6.09 1.62
N LEU B 259 32.68 -5.07 2.41
CA LEU B 259 31.92 -3.83 2.48
C LEU B 259 32.35 -2.96 1.33
N LEU B 260 31.38 -2.54 0.50
CA LEU B 260 31.67 -1.68 -0.63
C LEU B 260 31.28 -0.25 -0.19
N PRO B 261 32.05 0.76 -0.60
CA PRO B 261 31.97 2.20 -0.36
C PRO B 261 30.67 2.96 -0.19
N VAL B 262 30.05 3.39 -1.29
CA VAL B 262 28.82 4.18 -1.20
C VAL B 262 29.15 5.68 -0.92
N SER B 263 28.61 6.58 -1.78
CA SER B 263 28.81 8.03 -1.65
C SER B 263 27.47 8.75 -1.87
N LEU B 264 27.50 10.08 -1.87
CA LEU B 264 26.29 10.87 -2.08
C LEU B 264 26.41 11.73 -3.35
N VAL B 265 25.45 11.55 -4.25
CA VAL B 265 25.40 12.28 -5.52
C VAL B 265 24.48 13.50 -5.39
N LYS B 266 25.06 14.69 -5.27
CA LYS B 266 24.26 15.89 -5.14
C LYS B 266 23.72 16.33 -6.51
N ARG B 267 22.40 16.40 -6.64
CA ARG B 267 21.72 16.83 -7.86
C ARG B 267 20.65 17.84 -7.50
N LYS B 268 19.56 17.95 -8.28
CA LYS B 268 18.54 18.99 -7.98
C LYS B 268 17.25 18.68 -7.22
N THR B 269 17.26 17.70 -6.34
CA THR B 269 16.07 17.37 -5.56
C THR B 269 16.28 17.60 -4.07
N THR B 270 17.06 18.62 -3.73
CA THR B 270 17.35 18.93 -2.33
C THR B 270 17.78 20.40 -2.17
N LEU B 271 17.09 21.11 -1.27
CA LEU B 271 17.36 22.51 -0.95
C LEU B 271 17.08 22.69 0.51
N ALA B 272 17.44 23.85 1.02
CA ALA B 272 17.21 24.18 2.42
C ALA B 272 15.72 24.50 2.59
N PRO B 273 15.18 24.35 3.82
CA PRO B 273 13.77 24.59 4.16
C PRO B 273 13.21 26.02 4.17
N ASN B 274 13.79 26.92 4.98
CA ASN B 274 13.28 28.30 5.14
C ASN B 274 12.06 28.72 4.32
N THR B 275 10.95 28.74 5.02
CA THR B 275 9.70 29.11 4.44
C THR B 275 9.56 30.63 4.41
N GLN B 276 8.99 31.15 3.33
CA GLN B 276 8.76 32.58 3.14
C GLN B 276 7.29 32.68 2.83
N THR B 277 6.55 33.26 3.77
CA THR B 277 5.10 33.38 3.66
C THR B 277 4.46 34.35 2.66
N ALA B 278 5.15 35.42 2.29
CA ALA B 278 4.58 36.43 1.38
C ALA B 278 3.52 37.16 2.20
N SER B 279 3.02 38.26 1.68
CA SER B 279 2.03 39.02 2.44
C SER B 279 0.58 38.61 2.18
N PRO B 280 -0.28 38.66 3.22
CA PRO B 280 -1.68 38.29 3.05
C PRO B 280 -2.22 39.13 1.88
N ARG B 281 -1.70 40.35 1.74
CA ARG B 281 -2.07 41.25 0.66
C ARG B 281 -1.61 40.64 -0.65
N ALA B 282 -0.32 40.31 -0.72
CA ALA B 282 0.30 39.71 -1.90
C ALA B 282 -0.33 38.40 -2.37
N LEU B 283 -0.44 37.43 -1.47
CA LEU B 283 -1.03 36.13 -1.78
C LEU B 283 -2.48 36.33 -2.21
N ALA B 284 -3.20 37.12 -1.44
CA ALA B 284 -4.60 37.39 -1.75
C ALA B 284 -4.72 37.78 -3.19
N ASP B 285 -3.88 38.72 -3.60
CA ASP B 285 -3.89 39.21 -4.96
C ASP B 285 -3.67 38.07 -5.95
N SER B 286 -2.67 37.24 -5.65
CA SER B 286 -2.35 36.11 -6.50
C SER B 286 -3.60 35.25 -6.68
N LEU B 287 -4.34 35.03 -5.59
CA LEU B 287 -5.54 34.21 -5.65
C LEU B 287 -6.55 34.83 -6.58
N MET B 288 -6.78 36.14 -6.41
CA MET B 288 -7.75 36.88 -7.23
C MET B 288 -7.41 36.70 -8.69
N GLN B 289 -6.12 36.62 -8.99
CA GLN B 289 -5.70 36.42 -10.36
C GLN B 289 -6.35 35.12 -10.84
N LEU B 290 -6.01 34.04 -10.14
CA LEU B 290 -6.49 32.71 -10.47
C LEU B 290 -8.00 32.75 -10.60
N ALA B 291 -8.66 33.49 -9.71
CA ALA B 291 -10.11 33.60 -9.74
C ALA B 291 -10.59 34.03 -11.11
N ARG B 292 -9.95 35.06 -11.67
CA ARG B 292 -10.34 35.55 -13.00
C ARG B 292 -10.02 34.50 -14.03
N GLN B 293 -8.81 33.93 -13.92
CA GLN B 293 -8.38 32.89 -14.82
C GLN B 293 -9.41 31.76 -14.86
N VAL B 294 -9.98 31.42 -13.70
CA VAL B 294 -10.97 30.35 -13.60
C VAL B 294 -12.30 30.77 -14.22
N SER B 295 -12.72 32.00 -13.93
CA SER B 295 -13.99 32.55 -14.42
C SER B 295 -14.00 32.68 -15.94
N ARG B 296 -12.82 32.84 -16.52
CA ARG B 296 -12.70 32.96 -17.97
C ARG B 296 -13.05 31.61 -18.59
N LEU B 297 -12.62 30.52 -17.96
CA LEU B 297 -12.89 29.18 -18.49
C LEU B 297 -14.30 28.69 -18.19
N SER C 2 -19.15 -25.44 28.78
CA SER C 2 -19.24 -26.90 28.57
C SER C 2 -18.57 -27.32 27.26
N LEU C 3 -19.33 -27.20 26.16
CA LEU C 3 -18.86 -27.57 24.83
C LEU C 3 -17.89 -26.53 24.30
N LEU C 4 -16.61 -26.84 24.44
CA LEU C 4 -15.53 -25.96 24.01
C LEU C 4 -15.59 -25.77 22.51
N ILE C 5 -15.69 -24.51 22.12
CA ILE C 5 -15.75 -24.09 20.73
C ILE C 5 -14.43 -23.43 20.40
N GLY C 6 -13.89 -23.73 19.23
CA GLY C 6 -12.62 -23.15 18.83
C GLY C 6 -12.90 -22.32 17.61
N VAL C 7 -12.52 -21.04 17.66
CA VAL C 7 -12.76 -20.13 16.56
C VAL C 7 -11.50 -19.62 15.86
N ALA C 8 -11.38 -19.86 14.57
CA ALA C 8 -10.23 -19.35 13.84
C ALA C 8 -10.85 -18.11 13.24
N THR C 9 -10.39 -16.97 13.71
CA THR C 9 -10.93 -15.72 13.26
C THR C 9 -9.89 -14.87 12.55
N SER C 10 -10.32 -14.15 11.53
CA SER C 10 -9.44 -13.27 10.78
C SER C 10 -9.29 -12.00 11.61
N SER C 11 -8.22 -11.25 11.41
CA SER C 11 -7.97 -10.03 12.17
C SER C 11 -9.18 -9.40 12.86
N LEU C 12 -9.12 -9.36 14.18
CA LEU C 12 -10.19 -8.76 14.95
C LEU C 12 -10.11 -7.24 14.86
N ALA C 13 -9.11 -6.76 14.14
CA ALA C 13 -8.92 -5.33 13.95
C ALA C 13 -10.10 -4.77 13.16
N LEU C 14 -10.70 -5.61 12.31
CA LEU C 14 -11.83 -5.24 11.49
C LEU C 14 -13.05 -5.41 12.38
N HIS C 15 -14.08 -4.62 12.17
CA HIS C 15 -15.22 -4.70 13.09
C HIS C 15 -16.12 -5.90 12.95
N ALA C 16 -16.36 -6.35 11.72
CA ALA C 16 -17.25 -7.51 11.52
C ALA C 16 -16.80 -8.75 12.30
N PRO C 17 -15.51 -9.20 12.10
CA PRO C 17 -15.00 -10.39 12.83
C PRO C 17 -15.23 -10.23 14.34
N SER C 18 -14.75 -9.12 14.91
CA SER C 18 -14.93 -8.84 16.33
C SER C 18 -16.41 -8.91 16.75
N GLN C 19 -17.30 -8.51 15.87
CA GLN C 19 -18.70 -8.59 16.21
C GLN C 19 -19.23 -9.99 16.06
N ILE C 20 -18.61 -10.74 15.16
CA ILE C 20 -19.00 -12.13 14.95
C ILE C 20 -18.51 -12.92 16.14
N VAL C 21 -17.20 -12.92 16.36
CA VAL C 21 -16.63 -13.63 17.53
C VAL C 21 -17.45 -13.31 18.80
N ALA C 22 -17.75 -12.04 19.01
CA ALA C 22 -18.53 -11.63 20.17
C ALA C 22 -19.91 -12.30 20.24
N ALA C 23 -20.54 -12.49 19.09
CA ALA C 23 -21.88 -13.09 19.05
C ALA C 23 -21.76 -14.53 19.40
N ILE C 24 -20.70 -15.14 18.88
CA ILE C 24 -20.40 -16.55 19.10
C ILE C 24 -20.26 -16.79 20.59
N LYS C 25 -19.60 -15.86 21.26
CA LYS C 25 -19.38 -15.95 22.69
C LYS C 25 -20.71 -15.73 23.38
N SER C 26 -21.51 -14.81 22.85
CA SER C 26 -22.82 -14.48 23.43
C SER C 26 -23.74 -15.70 23.51
N ARG C 27 -23.90 -16.39 22.38
CA ARG C 27 -24.75 -17.58 22.28
C ARG C 27 -24.17 -18.74 23.06
N ALA C 28 -22.87 -19.00 22.86
CA ALA C 28 -22.16 -20.09 23.55
C ALA C 28 -22.50 -20.09 25.03
N ASP C 29 -22.44 -18.92 25.62
CA ASP C 29 -22.72 -18.76 27.04
C ASP C 29 -24.12 -19.22 27.35
N GLN C 30 -25.02 -19.10 26.38
CA GLN C 30 -26.39 -19.54 26.60
C GLN C 30 -26.44 -21.09 26.71
N LEU C 31 -25.84 -21.77 25.74
CA LEU C 31 -25.82 -23.22 25.77
C LEU C 31 -24.80 -23.72 26.80
N GLY C 32 -24.37 -22.81 27.67
CA GLY C 32 -23.40 -23.15 28.69
C GLY C 32 -22.09 -23.61 28.07
N ALA C 33 -21.94 -23.38 26.77
CA ALA C 33 -20.74 -23.80 26.06
C ALA C 33 -19.61 -22.86 26.33
N SER C 34 -18.55 -22.98 25.54
CA SER C 34 -17.37 -22.15 25.74
C SER C 34 -16.70 -21.91 24.43
N VAL C 35 -15.93 -20.82 24.37
CA VAL C 35 -15.23 -20.42 23.17
C VAL C 35 -13.79 -20.08 23.54
N VAL C 36 -12.87 -20.49 22.68
CA VAL C 36 -11.47 -20.20 22.83
C VAL C 36 -11.18 -19.65 21.43
N VAL C 37 -10.61 -18.45 21.36
CA VAL C 37 -10.32 -17.80 20.08
C VAL C 37 -8.86 -17.83 19.67
N SER C 38 -8.60 -18.16 18.40
CA SER C 38 -7.23 -18.16 17.81
C SER C 38 -7.26 -17.29 16.56
N MET C 39 -6.31 -16.38 16.45
CA MET C 39 -6.25 -15.43 15.33
C MET C 39 -5.30 -15.80 14.21
N VAL C 40 -5.87 -16.16 13.07
CA VAL C 40 -5.10 -16.55 11.90
C VAL C 40 -4.19 -15.39 11.48
N GLU C 41 -2.95 -15.76 11.18
CA GLU C 41 -1.88 -14.84 10.77
C GLU C 41 -2.17 -14.05 9.48
N ARG C 42 -3.37 -14.23 8.92
CA ARG C 42 -3.80 -13.55 7.70
C ARG C 42 -2.96 -13.84 6.47
N SER C 43 -2.82 -15.12 6.12
CA SER C 43 -1.99 -15.48 4.97
C SER C 43 -2.45 -16.69 4.15
N GLY C 44 -3.75 -16.98 4.16
CA GLY C 44 -4.23 -18.12 3.38
C GLY C 44 -4.26 -19.44 4.14
N VAL C 45 -4.40 -20.53 3.38
CA VAL C 45 -4.48 -21.87 3.98
C VAL C 45 -3.54 -22.16 5.11
N GLU C 46 -2.23 -22.14 4.83
CA GLU C 46 -1.23 -22.46 5.84
C GLU C 46 -1.40 -21.77 7.19
N ALA C 47 -1.67 -20.45 7.14
CA ALA C 47 -1.89 -19.61 8.33
C ALA C 47 -3.17 -20.08 9.01
N CYS C 48 -4.20 -20.27 8.19
CA CYS C 48 -5.51 -20.73 8.65
C CYS C 48 -5.38 -22.10 9.31
N LYS C 49 -4.64 -22.98 8.63
CA LYS C 49 -4.37 -24.37 9.02
C LYS C 49 -3.61 -24.54 10.33
N ALA C 50 -2.63 -23.66 10.54
CA ALA C 50 -1.80 -23.68 11.74
C ALA C 50 -2.66 -23.27 12.94
N ALA C 51 -3.59 -22.34 12.70
CA ALA C 51 -4.49 -21.86 13.74
C ALA C 51 -5.34 -23.01 14.24
N VAL C 52 -5.95 -23.72 13.30
CA VAL C 52 -6.82 -24.87 13.58
C VAL C 52 -6.06 -25.93 14.35
N HIS C 53 -4.84 -26.18 13.93
CA HIS C 53 -4.01 -27.18 14.59
C HIS C 53 -3.82 -26.81 16.05
N ASN C 54 -3.68 -25.51 16.32
CA ASN C 54 -3.52 -24.99 17.67
C ASN C 54 -4.80 -25.24 18.47
N LEU C 55 -5.92 -24.97 17.83
CA LEU C 55 -7.26 -25.12 18.41
C LEU C 55 -7.56 -26.56 18.80
N LEU C 56 -7.12 -27.50 17.96
CA LEU C 56 -7.33 -28.92 18.21
C LEU C 56 -6.58 -29.32 19.47
N ALA C 57 -5.32 -28.91 19.54
CA ALA C 57 -4.49 -29.23 20.69
C ALA C 57 -5.12 -28.68 21.97
N GLN C 58 -6.14 -27.84 21.81
CA GLN C 58 -6.82 -27.24 22.94
C GLN C 58 -7.92 -28.07 23.61
N ARG C 59 -8.30 -29.21 23.00
CA ARG C 59 -9.38 -30.10 23.50
C ARG C 59 -10.73 -29.60 22.92
N VAL C 60 -10.62 -28.89 21.80
CA VAL C 60 -11.74 -28.32 21.08
C VAL C 60 -12.76 -29.38 20.68
N SER C 61 -14.01 -29.14 21.04
CA SER C 61 -15.09 -30.05 20.70
C SER C 61 -15.48 -29.90 19.22
N GLY C 62 -15.45 -28.67 18.73
CA GLY C 62 -15.81 -28.39 17.35
C GLY C 62 -15.15 -27.08 16.99
N LEU C 63 -15.21 -26.70 15.73
CA LEU C 63 -14.59 -25.46 15.27
C LEU C 63 -15.47 -24.60 14.39
N ILE C 64 -15.33 -23.28 14.54
CA ILE C 64 -16.04 -22.31 13.72
C ILE C 64 -14.89 -21.58 13.06
N ILE C 65 -14.84 -21.58 11.74
CA ILE C 65 -13.75 -20.98 11.01
C ILE C 65 -14.09 -19.72 10.21
N ASN C 66 -14.10 -18.61 10.93
CA ASN C 66 -14.39 -17.30 10.35
C ASN C 66 -13.12 -16.76 9.74
N TYR C 67 -12.82 -17.19 8.52
CA TYR C 67 -11.63 -16.74 7.81
C TYR C 67 -11.89 -17.00 6.32
N PRO C 68 -11.48 -16.05 5.47
CA PRO C 68 -11.63 -16.11 4.00
C PRO C 68 -10.87 -17.22 3.31
N LEU C 69 -11.56 -18.29 2.91
CA LEU C 69 -10.90 -19.40 2.26
C LEU C 69 -11.43 -19.74 0.86
N ASP C 70 -10.52 -19.74 -0.12
CA ASP C 70 -10.89 -20.07 -1.49
C ASP C 70 -11.32 -21.53 -1.39
N ASP C 71 -12.09 -21.99 -2.37
CA ASP C 71 -12.59 -23.37 -2.41
C ASP C 71 -11.55 -24.43 -2.00
N GLN C 72 -10.52 -24.58 -2.84
CA GLN C 72 -9.43 -25.53 -2.65
C GLN C 72 -8.89 -25.52 -1.23
N ASP C 73 -8.70 -24.32 -0.71
CA ASP C 73 -8.18 -24.10 0.63
C ASP C 73 -9.23 -24.36 1.68
N ALA C 74 -10.49 -24.27 1.28
CA ALA C 74 -11.58 -24.51 2.20
C ALA C 74 -11.63 -26.02 2.53
N ILE C 75 -11.63 -26.85 1.49
CA ILE C 75 -11.67 -28.30 1.70
C ILE C 75 -10.45 -28.82 2.46
N ALA C 76 -9.31 -28.15 2.27
CA ALA C 76 -8.05 -28.51 2.93
C ALA C 76 -8.13 -28.32 4.44
N VAL C 77 -8.29 -27.07 4.85
CA VAL C 77 -8.40 -26.74 6.25
C VAL C 77 -9.43 -27.69 6.85
N GLU C 78 -10.50 -27.91 6.10
CA GLU C 78 -11.57 -28.77 6.57
C GLU C 78 -11.03 -30.16 6.81
N ALA C 79 -10.33 -30.70 5.82
CA ALA C 79 -9.75 -32.03 5.88
C ALA C 79 -8.74 -32.11 7.03
N ALA C 80 -8.27 -30.96 7.47
CA ALA C 80 -7.31 -30.91 8.56
C ALA C 80 -7.99 -31.10 9.91
N CYS C 81 -9.27 -30.74 10.01
CA CYS C 81 -10.04 -30.82 11.25
C CYS C 81 -10.41 -32.25 11.69
N THR C 82 -9.36 -33.01 12.02
CA THR C 82 -9.46 -34.40 12.43
C THR C 82 -10.79 -34.79 13.06
N ASN C 83 -11.71 -35.24 12.22
CA ASN C 83 -13.06 -35.67 12.65
C ASN C 83 -13.79 -34.72 13.59
N VAL C 84 -13.21 -33.55 13.80
CA VAL C 84 -13.81 -32.54 14.66
C VAL C 84 -14.74 -31.70 13.75
N PRO C 85 -16.02 -31.54 14.14
CA PRO C 85 -16.98 -30.77 13.35
C PRO C 85 -16.52 -29.35 13.05
N ALA C 86 -16.25 -29.08 11.78
CA ALA C 86 -15.80 -27.77 11.33
C ALA C 86 -16.88 -27.07 10.53
N LEU C 87 -17.22 -25.86 10.95
CA LEU C 87 -18.23 -25.04 10.32
C LEU C 87 -17.48 -23.79 9.80
N PHE C 88 -17.68 -23.45 8.53
CA PHE C 88 -16.99 -22.32 7.92
C PHE C 88 -17.89 -21.10 7.74
N LEU C 89 -17.41 -19.94 8.17
CA LEU C 89 -18.20 -18.72 8.07
C LEU C 89 -17.77 -17.73 6.98
N ASP C 90 -16.69 -18.00 6.26
CA ASP C 90 -16.23 -17.08 5.22
C ASP C 90 -15.76 -17.82 3.98
N VAL C 91 -16.70 -18.49 3.31
CA VAL C 91 -16.46 -19.27 2.09
C VAL C 91 -17.48 -18.96 0.97
N SER C 92 -17.74 -19.94 0.10
CA SER C 92 -18.71 -19.79 -1.00
C SER C 92 -19.80 -20.78 -0.78
N ASP C 93 -21.02 -20.39 -1.08
CA ASP C 93 -22.14 -21.29 -0.91
C ASP C 93 -22.08 -22.47 -1.88
N GLN C 94 -20.92 -22.62 -2.51
CA GLN C 94 -20.68 -23.68 -3.49
C GLN C 94 -19.65 -24.66 -2.97
N THR C 95 -19.21 -24.49 -1.73
CA THR C 95 -18.23 -25.38 -1.18
C THR C 95 -18.85 -26.55 -0.43
N PRO C 96 -18.36 -27.77 -0.72
CA PRO C 96 -18.85 -29.01 -0.09
C PRO C 96 -18.26 -29.15 1.33
N ILE C 97 -18.80 -28.36 2.26
CA ILE C 97 -18.37 -28.34 3.67
C ILE C 97 -19.53 -27.73 4.46
N ASN C 98 -19.47 -27.85 5.78
CA ASN C 98 -20.53 -27.25 6.58
C ASN C 98 -20.29 -25.74 6.62
N SER C 99 -21.27 -24.95 6.17
CA SER C 99 -21.13 -23.50 6.19
C SER C 99 -22.46 -22.80 6.41
N ILE C 100 -22.37 -21.56 6.88
CA ILE C 100 -23.53 -20.71 7.10
C ILE C 100 -22.95 -19.42 6.59
N ILE C 101 -23.60 -18.83 5.61
CA ILE C 101 -23.10 -17.59 5.08
C ILE C 101 -24.30 -16.70 4.76
N PHE C 102 -24.08 -15.41 4.56
CA PHE C 102 -25.16 -14.48 4.24
C PHE C 102 -25.41 -14.46 2.71
N SER C 103 -26.61 -14.14 2.32
CA SER C 103 -26.89 -14.09 0.91
C SER C 103 -26.05 -13.01 0.23
N HIS C 104 -25.17 -13.41 -0.68
CA HIS C 104 -24.36 -12.42 -1.39
C HIS C 104 -25.08 -11.94 -2.64
N GLU C 105 -26.16 -12.61 -3.00
CA GLU C 105 -26.95 -12.25 -4.18
C GLU C 105 -27.94 -11.13 -3.82
N ASP C 106 -28.66 -11.34 -2.72
CA ASP C 106 -29.59 -10.35 -2.23
C ASP C 106 -28.81 -9.08 -1.91
N GLY C 107 -27.79 -9.19 -1.05
CA GLY C 107 -26.97 -8.04 -0.71
C GLY C 107 -26.54 -7.21 -1.91
N THR C 108 -25.88 -7.83 -2.89
CA THR C 108 -25.45 -7.12 -4.09
C THR C 108 -26.65 -6.62 -4.91
N ARG C 109 -27.81 -7.23 -4.71
CA ARG C 109 -29.00 -6.84 -5.45
C ARG C 109 -29.67 -5.62 -4.83
N LEU C 110 -29.91 -5.70 -3.52
CA LEU C 110 -30.54 -4.62 -2.78
C LEU C 110 -29.76 -3.34 -3.01
N GLY C 111 -28.44 -3.44 -3.06
CA GLY C 111 -27.62 -2.25 -3.31
C GLY C 111 -27.83 -1.64 -4.69
N VAL C 112 -27.59 -2.41 -5.75
CA VAL C 112 -27.76 -1.92 -7.12
C VAL C 112 -29.19 -1.45 -7.33
N GLU C 113 -30.15 -2.35 -7.13
CA GLU C 113 -31.54 -1.98 -7.32
C GLU C 113 -31.92 -0.68 -6.64
N HIS C 114 -31.37 -0.47 -5.46
CA HIS C 114 -31.64 0.74 -4.70
C HIS C 114 -31.10 1.94 -5.43
N LEU C 115 -29.81 1.88 -5.76
CA LEU C 115 -29.20 2.99 -6.47
C LEU C 115 -29.86 3.23 -7.81
N VAL C 116 -30.33 2.16 -8.45
CA VAL C 116 -30.96 2.35 -9.74
C VAL C 116 -32.34 2.93 -9.56
N ALA C 117 -33.12 2.38 -8.66
CA ALA C 117 -34.48 2.87 -8.42
C ALA C 117 -34.47 4.35 -8.04
N LEU C 118 -33.30 4.83 -7.68
CA LEU C 118 -33.12 6.22 -7.30
C LEU C 118 -32.74 7.09 -8.48
N GLY C 119 -32.19 6.48 -9.53
CA GLY C 119 -31.81 7.21 -10.74
C GLY C 119 -30.32 7.38 -10.99
N HIS C 120 -29.49 6.54 -10.37
CA HIS C 120 -28.06 6.64 -10.56
C HIS C 120 -27.66 5.87 -11.78
N GLN C 121 -26.79 6.49 -12.59
CA GLN C 121 -26.35 5.91 -13.85
C GLN C 121 -24.85 5.65 -13.78
N GLN C 122 -24.14 6.69 -13.34
CA GLN C 122 -22.69 6.61 -13.19
C GLN C 122 -22.41 6.13 -11.76
N ILE C 123 -22.02 4.86 -11.65
CA ILE C 123 -21.74 4.20 -10.39
C ILE C 123 -20.34 3.62 -10.38
N ALA C 124 -19.70 3.62 -9.21
CA ALA C 124 -18.34 3.08 -9.03
C ALA C 124 -18.33 1.99 -7.97
N LEU C 125 -17.45 1.01 -8.14
CA LEU C 125 -17.32 -0.12 -7.23
C LEU C 125 -16.03 -0.01 -6.47
N LEU C 126 -16.10 -0.28 -5.18
CA LEU C 126 -14.93 -0.26 -4.31
C LEU C 126 -15.01 -1.57 -3.58
N ALA C 127 -14.29 -2.56 -4.10
CA ALA C 127 -14.27 -3.92 -3.56
C ALA C 127 -13.31 -4.15 -2.41
N GLY C 128 -13.52 -5.25 -1.70
CA GLY C 128 -12.64 -5.58 -0.58
C GLY C 128 -11.40 -6.17 -1.23
N PRO C 129 -10.41 -6.66 -0.46
CA PRO C 129 -9.25 -7.20 -1.16
C PRO C 129 -9.69 -8.40 -2.03
N LEU C 130 -9.24 -8.48 -3.29
CA LEU C 130 -9.66 -9.58 -4.12
C LEU C 130 -9.14 -10.93 -3.67
N SER C 131 -8.43 -10.95 -2.55
CA SER C 131 -7.94 -12.22 -2.01
C SER C 131 -9.09 -12.93 -1.28
N SER C 132 -10.02 -12.11 -0.79
CA SER C 132 -11.15 -12.63 -0.05
C SER C 132 -12.26 -13.15 -0.93
N VAL C 133 -12.80 -14.29 -0.51
CA VAL C 133 -13.89 -14.95 -1.22
C VAL C 133 -15.03 -13.96 -1.30
N SER C 134 -15.54 -13.59 -0.13
CA SER C 134 -16.65 -12.67 0.01
C SER C 134 -16.56 -11.43 -0.86
N ALA C 135 -15.42 -10.77 -0.82
CA ALA C 135 -15.19 -9.58 -1.62
C ALA C 135 -15.50 -9.85 -3.07
N ARG C 136 -14.82 -10.84 -3.65
CA ARG C 136 -15.00 -11.24 -5.06
C ARG C 136 -16.46 -11.63 -5.36
N LEU C 137 -17.07 -12.32 -4.41
CA LEU C 137 -18.46 -12.76 -4.50
C LEU C 137 -19.40 -11.57 -4.55
N ARG C 138 -19.03 -10.47 -3.88
CA ARG C 138 -19.80 -9.20 -3.83
C ARG C 138 -19.50 -8.39 -5.10
N LEU C 139 -18.26 -8.36 -5.49
CA LEU C 139 -17.91 -7.64 -6.71
C LEU C 139 -18.70 -8.27 -7.89
N ALA C 140 -18.89 -9.59 -7.82
CA ALA C 140 -19.62 -10.34 -8.84
C ALA C 140 -21.07 -9.90 -8.82
N GLY C 141 -21.69 -9.93 -7.63
CA GLY C 141 -23.08 -9.50 -7.49
C GLY C 141 -23.26 -8.15 -8.14
N TRP C 142 -22.49 -7.15 -7.73
CA TRP C 142 -22.61 -5.80 -8.31
C TRP C 142 -22.50 -5.80 -9.84
N HIS C 143 -21.81 -6.79 -10.39
CA HIS C 143 -21.69 -6.91 -11.86
C HIS C 143 -22.90 -7.62 -12.51
N LYS C 144 -23.43 -8.65 -11.84
CA LYS C 144 -24.58 -9.38 -12.33
C LYS C 144 -25.81 -8.48 -12.37
N TYR C 145 -26.07 -7.79 -11.26
CA TYR C 145 -27.20 -6.92 -11.21
C TYR C 145 -26.98 -5.57 -11.91
N LEU C 146 -25.78 -5.02 -11.91
CA LEU C 146 -25.62 -3.75 -12.64
C LEU C 146 -25.97 -3.96 -14.11
N THR C 147 -25.28 -4.89 -14.77
CA THR C 147 -25.53 -5.18 -16.18
C THR C 147 -27.00 -5.63 -16.40
N ARG C 148 -27.57 -6.34 -15.43
CA ARG C 148 -28.98 -6.74 -15.53
C ARG C 148 -29.82 -5.47 -15.74
N ASN C 149 -29.51 -4.42 -14.97
CA ASN C 149 -30.21 -3.15 -15.08
C ASN C 149 -29.42 -2.36 -16.12
N GLN C 150 -28.73 -3.08 -16.99
CA GLN C 150 -27.92 -2.51 -18.07
C GLN C 150 -26.87 -1.49 -17.71
N ILE C 151 -26.47 -1.46 -16.44
CA ILE C 151 -25.46 -0.51 -16.03
C ILE C 151 -24.05 -1.07 -15.97
N GLN C 152 -23.10 -0.23 -16.41
CA GLN C 152 -21.70 -0.57 -16.40
C GLN C 152 -20.95 0.37 -15.47
N PRO C 153 -20.23 -0.20 -14.48
CA PRO C 153 -19.48 0.60 -13.54
C PRO C 153 -18.41 1.41 -14.24
N ILE C 154 -18.41 2.71 -14.00
CA ILE C 154 -17.43 3.61 -14.63
C ILE C 154 -16.05 3.45 -14.00
N ALA C 155 -16.01 2.95 -12.76
CA ALA C 155 -14.77 2.76 -12.05
C ALA C 155 -14.99 1.64 -11.07
N GLU C 156 -13.91 0.95 -10.77
CA GLU C 156 -13.91 -0.19 -9.87
C GLU C 156 -12.52 -0.17 -9.30
N ARG C 157 -12.38 -0.60 -8.05
CA ARG C 157 -11.08 -0.64 -7.37
C ARG C 157 -11.20 -1.29 -6.02
N GLU C 158 -10.04 -1.66 -5.36
CA GLU C 158 -10.25 -2.37 -4.08
C GLU C 158 -9.23 -1.89 -3.04
N GLY C 159 -9.81 -1.91 -1.79
CA GLY C 159 -9.08 -1.57 -0.58
C GLY C 159 -8.84 -2.86 0.17
N ASP C 160 -8.62 -2.73 1.47
CA ASP C 160 -8.34 -3.89 2.29
C ASP C 160 -9.27 -4.04 3.45
N TRP C 161 -10.49 -3.51 3.33
CA TRP C 161 -11.52 -3.58 4.40
C TRP C 161 -11.45 -2.45 5.46
N SER C 162 -10.41 -1.62 5.39
CA SER C 162 -10.20 -0.55 6.37
C SER C 162 -10.64 0.83 5.91
N ALA C 163 -11.01 1.67 6.89
CA ALA C 163 -11.42 3.03 6.62
C ALA C 163 -10.40 3.75 5.74
N MET C 164 -9.16 3.73 6.18
CA MET C 164 -8.12 4.42 5.45
C MET C 164 -7.99 3.99 3.99
N SER C 165 -8.56 2.83 3.67
CA SER C 165 -8.53 2.24 2.35
C SER C 165 -9.60 2.85 1.48
N GLY C 166 -10.75 3.10 2.05
CA GLY C 166 -11.80 3.71 1.26
C GLY C 166 -11.25 5.09 0.94
N PHE C 167 -10.66 5.74 1.94
CA PHE C 167 -10.07 7.07 1.76
C PHE C 167 -8.96 7.02 0.71
N GLN C 168 -8.05 6.05 0.76
CA GLN C 168 -6.97 5.98 -0.23
C GLN C 168 -7.50 5.86 -1.68
N GLN C 169 -8.29 4.80 -1.91
CA GLN C 169 -8.88 4.47 -3.18
C GLN C 169 -9.77 5.54 -3.75
N THR C 170 -10.72 6.00 -2.94
CA THR C 170 -11.63 7.07 -3.31
C THR C 170 -10.95 8.41 -3.55
N MET C 171 -9.79 8.66 -2.94
CA MET C 171 -9.09 9.91 -3.20
C MET C 171 -8.45 9.78 -4.56
N GLN C 172 -7.73 8.68 -4.76
CA GLN C 172 -7.05 8.41 -6.02
C GLN C 172 -8.01 8.49 -7.21
N MET C 173 -9.19 7.91 -7.06
CA MET C 173 -10.21 7.89 -8.12
C MET C 173 -10.62 9.29 -8.57
N LEU C 174 -11.13 10.05 -7.62
CA LEU C 174 -11.58 11.40 -7.89
C LEU C 174 -10.48 12.19 -8.57
N ASN C 175 -9.23 12.00 -8.15
CA ASN C 175 -8.10 12.71 -8.78
C ASN C 175 -8.05 12.39 -10.26
N GLU C 176 -8.31 11.12 -10.56
CA GLU C 176 -8.33 10.61 -11.92
C GLU C 176 -9.49 11.25 -12.68
N GLY C 177 -10.21 12.13 -12.01
CA GLY C 177 -11.33 12.79 -12.63
C GLY C 177 -12.52 11.88 -12.78
N ILE C 178 -12.52 10.75 -12.07
CA ILE C 178 -13.65 9.84 -12.13
C ILE C 178 -14.48 10.20 -10.92
N VAL C 179 -15.66 10.77 -11.14
CA VAL C 179 -16.54 11.16 -10.04
C VAL C 179 -17.92 10.50 -10.27
N PRO C 180 -18.16 9.35 -9.64
CA PRO C 180 -19.45 8.71 -9.85
C PRO C 180 -20.53 9.54 -9.19
N THR C 181 -21.78 9.22 -9.45
CA THR C 181 -22.87 9.93 -8.77
C THR C 181 -23.13 9.04 -7.56
N ALA C 182 -22.64 7.81 -7.64
CA ALA C 182 -22.84 6.82 -6.58
C ALA C 182 -21.67 5.87 -6.51
N MET C 183 -21.51 5.27 -5.33
CA MET C 183 -20.47 4.29 -5.03
C MET C 183 -21.09 3.19 -4.23
N LEU C 184 -20.74 1.96 -4.60
CA LEU C 184 -21.18 0.75 -3.93
C LEU C 184 -19.89 0.26 -3.25
N VAL C 185 -19.88 0.27 -1.92
CA VAL C 185 -18.71 -0.10 -1.14
C VAL C 185 -18.89 -1.49 -0.56
N ALA C 186 -17.76 -2.20 -0.42
CA ALA C 186 -17.71 -3.57 0.09
C ALA C 186 -18.03 -3.72 1.55
N ASN C 187 -17.71 -2.70 2.37
CA ASN C 187 -18.02 -2.74 3.80
C ASN C 187 -18.19 -1.34 4.35
N ASP C 188 -18.71 -1.24 5.57
CA ASP C 188 -18.97 0.06 6.21
C ASP C 188 -17.72 0.87 6.47
N GLN C 189 -16.66 0.23 6.96
CA GLN C 189 -15.39 0.88 7.28
C GLN C 189 -14.77 1.59 6.10
N MET C 190 -14.64 0.89 4.98
CA MET C 190 -14.08 1.53 3.80
C MET C 190 -15.06 2.63 3.37
N ALA C 191 -16.35 2.41 3.64
CA ALA C 191 -17.38 3.40 3.31
C ALA C 191 -17.16 4.70 4.07
N LEU C 192 -16.77 4.57 5.35
CA LEU C 192 -16.46 5.70 6.21
C LEU C 192 -15.30 6.41 5.54
N GLY C 193 -14.35 5.62 5.04
CA GLY C 193 -13.20 6.16 4.35
C GLY C 193 -13.54 6.96 3.10
N ALA C 194 -14.48 6.47 2.28
CA ALA C 194 -14.96 7.12 1.03
C ALA C 194 -15.71 8.43 1.29
N MET C 195 -16.53 8.43 2.33
CA MET C 195 -17.28 9.60 2.75
C MET C 195 -16.29 10.64 3.24
N ARG C 196 -15.15 10.18 3.71
CA ARG C 196 -14.10 11.04 4.21
C ARG C 196 -13.34 11.65 3.03
N ALA C 197 -13.21 10.87 1.95
CA ALA C 197 -12.48 11.33 0.76
C ALA C 197 -13.31 12.23 -0.16
N ILE C 198 -14.62 12.11 -0.07
CA ILE C 198 -15.54 12.89 -0.87
C ILE C 198 -15.59 14.29 -0.27
N THR C 199 -15.84 14.40 1.02
CA THR C 199 -15.88 15.72 1.64
C THR C 199 -14.50 16.36 1.46
N GLU C 200 -13.45 15.58 1.62
CA GLU C 200 -12.09 16.07 1.43
C GLU C 200 -11.99 16.71 0.05
N SER C 201 -12.73 16.16 -0.90
CA SER C 201 -12.77 16.64 -2.27
C SER C 201 -13.76 17.78 -2.51
N GLY C 202 -14.36 18.29 -1.46
CA GLY C 202 -15.29 19.38 -1.63
C GLY C 202 -16.62 18.98 -2.21
N LEU C 203 -16.98 17.73 -2.01
CA LEU C 203 -18.26 17.22 -2.49
C LEU C 203 -19.04 16.85 -1.24
N ARG C 204 -20.35 16.68 -1.38
CA ARG C 204 -21.20 16.31 -0.26
C ARG C 204 -21.59 14.85 -0.46
N VAL C 205 -21.81 14.13 0.62
CA VAL C 205 -22.24 12.75 0.54
C VAL C 205 -23.76 12.84 0.45
N GLY C 206 -24.37 11.95 -0.34
CA GLY C 206 -25.80 11.99 -0.52
C GLY C 206 -26.00 13.00 -1.63
N ALA C 207 -25.93 14.27 -1.27
CA ALA C 207 -26.09 15.38 -2.20
C ALA C 207 -25.25 15.37 -3.48
N ASP C 208 -23.98 14.95 -3.42
CA ASP C 208 -23.15 14.88 -4.63
C ASP C 208 -22.82 13.46 -5.03
N ILE C 209 -22.32 12.68 -4.07
CA ILE C 209 -21.97 11.28 -4.28
C ILE C 209 -22.54 10.38 -3.20
N SER C 210 -23.37 9.43 -3.62
CA SER C 210 -24.08 8.49 -2.74
C SER C 210 -23.16 7.34 -2.44
N VAL C 211 -23.25 6.83 -1.22
CA VAL C 211 -22.42 5.71 -0.78
C VAL C 211 -23.29 4.69 -0.07
N VAL C 212 -23.19 3.43 -0.52
CA VAL C 212 -23.89 2.28 0.06
C VAL C 212 -22.81 1.42 0.71
N GLY C 213 -23.00 1.05 1.98
CA GLY C 213 -21.98 0.25 2.65
C GLY C 213 -22.26 -1.20 2.45
N TYR C 214 -21.91 -1.99 3.46
CA TYR C 214 -22.13 -3.42 3.44
C TYR C 214 -21.69 -3.91 4.83
N ASP C 215 -22.60 -4.59 5.55
CA ASP C 215 -22.41 -5.17 6.91
C ASP C 215 -23.40 -4.69 7.96
N ASP C 216 -23.27 -3.40 8.27
CA ASP C 216 -24.02 -2.69 9.29
C ASP C 216 -23.38 -2.97 10.63
N THR C 217 -22.09 -2.65 10.69
CA THR C 217 -21.35 -2.80 11.92
C THR C 217 -21.82 -1.67 12.82
N GLU C 218 -21.93 -1.94 14.10
CA GLU C 218 -22.39 -0.98 15.10
C GLU C 218 -22.35 0.52 14.85
N ASP C 219 -21.14 1.06 14.71
CA ASP C 219 -20.87 2.49 14.53
C ASP C 219 -21.66 3.19 13.43
N SER C 220 -22.03 2.44 12.38
CA SER C 220 -22.72 2.97 11.20
C SER C 220 -24.04 3.73 11.31
N SER C 221 -24.85 3.50 12.36
CA SER C 221 -26.11 4.24 12.53
C SER C 221 -25.62 5.67 12.62
N CYS C 222 -24.47 5.80 13.24
CA CYS C 222 -23.82 7.07 13.37
C CYS C 222 -22.93 7.06 12.11
N TYR C 223 -22.10 8.08 11.90
CA TYR C 223 -21.24 8.24 10.72
C TYR C 223 -21.89 9.49 10.22
N ILE C 224 -21.17 10.32 9.46
CA ILE C 224 -21.82 11.54 9.03
C ILE C 224 -21.73 11.77 7.57
N PRO C 225 -22.86 11.69 6.88
CA PRO C 225 -24.19 11.37 7.39
C PRO C 225 -24.36 9.88 7.58
N PRO C 226 -25.42 9.45 8.28
CA PRO C 226 -25.74 8.04 8.55
C PRO C 226 -25.62 7.17 7.30
N LEU C 227 -24.87 6.07 7.43
CA LEU C 227 -24.57 5.12 6.36
C LEU C 227 -25.65 4.15 5.96
N THR C 228 -26.15 4.24 4.72
CA THR C 228 -27.14 3.27 4.24
C THR C 228 -26.27 2.07 3.90
N THR C 229 -26.67 0.90 4.34
CA THR C 229 -25.84 -0.27 4.14
C THR C 229 -26.64 -1.55 4.04
N ILE C 230 -25.96 -2.67 3.82
CA ILE C 230 -26.60 -3.98 3.71
C ILE C 230 -26.34 -4.66 5.04
N LYS C 231 -27.34 -4.70 5.91
CA LYS C 231 -27.16 -5.32 7.22
C LYS C 231 -27.04 -6.81 7.17
N GLN C 232 -26.03 -7.31 7.89
CA GLN C 232 -25.76 -8.73 8.02
C GLN C 232 -25.84 -8.90 9.53
N ASP C 233 -26.80 -9.70 10.00
CA ASP C 233 -26.95 -9.87 11.43
C ASP C 233 -25.89 -10.85 11.88
N PHE C 234 -24.87 -10.34 12.54
CA PHE C 234 -23.79 -11.16 13.06
C PHE C 234 -24.26 -11.72 14.38
N ARG C 235 -25.44 -11.31 14.83
CA ARG C 235 -25.95 -11.93 16.05
C ARG C 235 -26.65 -13.23 15.61
N LEU C 236 -27.16 -13.22 14.38
CA LEU C 236 -27.82 -14.38 13.80
C LEU C 236 -26.75 -15.39 13.47
N LEU C 237 -25.79 -14.98 12.64
CA LEU C 237 -24.67 -15.82 12.21
C LEU C 237 -24.00 -16.40 13.44
N GLY C 238 -24.01 -15.64 14.53
CA GLY C 238 -23.42 -16.09 15.77
C GLY C 238 -24.19 -17.25 16.36
N GLN C 239 -25.47 -17.06 16.67
CA GLN C 239 -26.25 -18.14 17.28
C GLN C 239 -26.42 -19.31 16.37
N THR C 240 -26.85 -19.04 15.14
CA THR C 240 -27.06 -20.10 14.18
C THR C 240 -25.83 -20.98 14.15
N SER C 241 -24.65 -20.40 13.97
CA SER C 241 -23.41 -21.19 13.91
C SER C 241 -23.04 -21.92 15.20
N VAL C 242 -23.29 -21.33 16.35
CA VAL C 242 -22.96 -22.01 17.60
C VAL C 242 -23.86 -23.22 17.68
N ASP C 243 -25.15 -22.98 17.43
CA ASP C 243 -26.15 -24.01 17.48
C ASP C 243 -25.84 -25.12 16.51
N ARG C 244 -25.59 -24.76 15.27
CA ARG C 244 -25.27 -25.77 14.29
C ARG C 244 -24.03 -26.52 14.72
N LEU C 245 -22.94 -25.82 15.03
CA LEU C 245 -21.71 -26.47 15.45
C LEU C 245 -22.02 -27.46 16.58
N LEU C 246 -22.97 -27.09 17.44
CA LEU C 246 -23.39 -27.95 18.56
C LEU C 246 -24.06 -29.22 18.03
N GLN C 247 -25.01 -29.07 17.09
CA GLN C 247 -25.73 -30.20 16.47
C GLN C 247 -24.71 -31.10 15.79
N LEU C 248 -23.92 -30.49 14.95
CA LEU C 248 -22.87 -31.11 14.17
C LEU C 248 -22.00 -31.90 15.14
N SER C 249 -21.74 -31.28 16.29
CA SER C 249 -20.93 -31.87 17.33
C SER C 249 -21.67 -33.07 17.85
N GLN C 250 -22.94 -32.86 18.19
CA GLN C 250 -23.77 -33.93 18.73
C GLN C 250 -24.47 -34.82 17.70
N GLY C 251 -23.69 -35.27 16.71
CA GLY C 251 -24.19 -36.16 15.67
C GLY C 251 -25.40 -35.75 14.85
N GLN C 252 -25.96 -34.57 15.08
CA GLN C 252 -27.13 -34.13 14.32
C GLN C 252 -26.67 -33.69 12.94
N ALA C 253 -26.63 -34.67 12.03
CA ALA C 253 -26.20 -34.44 10.66
C ALA C 253 -27.02 -33.35 10.01
N VAL C 254 -26.32 -32.30 9.59
CA VAL C 254 -26.91 -31.13 8.94
C VAL C 254 -26.14 -30.92 7.64
N LYS C 255 -24.86 -31.24 7.69
CA LYS C 255 -23.95 -31.18 6.56
C LYS C 255 -23.69 -29.91 5.74
N GLY C 256 -24.54 -29.65 4.76
CA GLY C 256 -24.36 -28.55 3.83
C GLY C 256 -24.06 -27.10 4.19
N ASN C 257 -24.40 -26.26 3.22
CA ASN C 257 -24.24 -24.80 3.28
C ASN C 257 -25.59 -24.20 3.61
N GLN C 258 -25.58 -23.07 4.30
CA GLN C 258 -26.81 -22.40 4.67
C GLN C 258 -26.61 -20.94 4.39
N LEU C 259 -27.64 -20.31 3.87
CA LEU C 259 -27.60 -18.89 3.52
C LEU C 259 -28.47 -18.06 4.44
N LEU C 260 -27.91 -16.95 4.92
CA LEU C 260 -28.59 -16.06 5.82
C LEU C 260 -29.20 -14.88 5.11
N PRO C 261 -30.38 -14.46 5.56
CA PRO C 261 -31.19 -13.36 5.06
C PRO C 261 -30.57 -12.09 4.48
N VAL C 262 -29.82 -11.31 5.26
CA VAL C 262 -29.29 -10.01 4.76
C VAL C 262 -30.45 -9.00 4.47
N SER C 263 -30.19 -7.69 4.61
CA SER C 263 -31.22 -6.66 4.38
C SER C 263 -30.65 -5.27 4.06
N LEU C 264 -31.48 -4.37 3.51
CA LEU C 264 -31.05 -2.99 3.16
C LEU C 264 -31.61 -1.97 4.14
N VAL C 265 -30.67 -1.38 4.88
CA VAL C 265 -30.93 -0.38 5.89
C VAL C 265 -30.69 0.96 5.24
N LYS C 266 -31.77 1.67 4.95
CA LYS C 266 -31.65 2.98 4.32
C LYS C 266 -31.40 4.04 5.39
N ARG C 267 -30.48 4.97 5.09
CA ARG C 267 -30.12 6.07 5.98
C ARG C 267 -29.86 7.35 5.20
N LYS C 268 -28.71 7.99 5.37
CA LYS C 268 -28.53 9.28 4.70
C LYS C 268 -27.46 9.49 3.66
N THR C 269 -26.68 8.47 3.35
CA THR C 269 -25.64 8.67 2.37
C THR C 269 -26.16 8.47 0.96
N THR C 270 -27.46 8.22 0.85
CA THR C 270 -28.06 7.96 -0.45
C THR C 270 -29.24 8.85 -0.86
N LEU C 271 -29.08 9.53 -1.98
CA LEU C 271 -30.08 10.44 -2.56
C LEU C 271 -29.84 10.25 -4.03
N ALA C 272 -30.71 10.69 -4.93
CA ALA C 272 -30.33 10.32 -6.28
C ALA C 272 -30.79 10.93 -7.54
N PRO C 273 -29.83 11.44 -8.36
CA PRO C 273 -28.38 11.61 -8.38
C PRO C 273 -28.18 13.10 -8.74
N ASN C 274 -27.06 13.71 -8.35
CA ASN C 274 -26.92 15.15 -8.63
C ASN C 274 -26.86 15.53 -10.10
N THR C 275 -27.78 16.40 -10.49
CA THR C 275 -27.89 16.88 -11.86
C THR C 275 -26.87 17.96 -12.19
N GLN C 276 -26.60 18.82 -11.21
CA GLN C 276 -25.69 19.94 -11.41
C GLN C 276 -24.31 19.74 -10.80
N THR C 277 -23.53 20.82 -10.85
CA THR C 277 -22.17 20.91 -10.32
C THR C 277 -21.76 22.39 -10.41
N ALA C 278 -20.95 22.84 -9.45
CA ALA C 278 -20.48 24.23 -9.42
C ALA C 278 -19.79 24.56 -10.73
N SER C 279 -20.08 25.76 -11.24
CA SER C 279 -19.51 26.25 -12.49
C SER C 279 -18.26 27.07 -12.19
N PRO C 280 -17.44 27.35 -13.21
CA PRO C 280 -16.24 28.14 -12.98
C PRO C 280 -16.63 29.44 -12.29
N ARG C 281 -17.81 29.97 -12.65
CA ARG C 281 -18.32 31.18 -12.04
C ARG C 281 -18.45 31.02 -10.53
N ALA C 282 -19.07 29.92 -10.11
CA ALA C 282 -19.26 29.62 -8.71
C ALA C 282 -17.94 29.46 -7.96
N LEU C 283 -17.00 28.76 -8.58
CA LEU C 283 -15.71 28.53 -7.93
C LEU C 283 -14.93 29.82 -7.83
N ALA C 284 -14.93 30.60 -8.90
CA ALA C 284 -14.22 31.88 -8.93
C ALA C 284 -14.73 32.76 -7.79
N ASP C 285 -16.06 32.80 -7.64
CA ASP C 285 -16.71 33.58 -6.59
C ASP C 285 -16.20 33.24 -5.21
N SER C 286 -16.34 31.97 -4.83
CA SER C 286 -15.87 31.50 -3.54
C SER C 286 -14.42 31.93 -3.44
N LEU C 287 -13.67 31.68 -4.50
CA LEU C 287 -12.26 32.03 -4.54
C LEU C 287 -12.08 33.51 -4.24
N MET C 288 -13.00 34.33 -4.73
CA MET C 288 -12.94 35.77 -4.50
C MET C 288 -12.92 36.08 -3.02
N GLN C 289 -13.94 35.59 -2.31
CA GLN C 289 -14.01 35.85 -0.88
C GLN C 289 -12.91 35.18 -0.08
N LEU C 290 -12.46 34.01 -0.55
CA LEU C 290 -11.38 33.34 0.14
C LEU C 290 -10.16 34.23 -0.04
N ALA C 291 -10.05 34.84 -1.22
CA ALA C 291 -8.94 35.75 -1.53
C ALA C 291 -9.01 36.94 -0.57
N ARG C 292 -10.18 37.55 -0.51
CA ARG C 292 -10.42 38.69 0.35
C ARG C 292 -9.99 38.35 1.77
N GLN C 293 -10.50 37.23 2.27
CA GLN C 293 -10.19 36.80 3.63
C GLN C 293 -8.68 36.63 3.84
N VAL C 294 -8.01 36.06 2.85
CA VAL C 294 -6.57 35.86 2.93
C VAL C 294 -5.90 37.23 3.02
N SER C 295 -6.43 38.20 2.28
CA SER C 295 -5.92 39.57 2.24
C SER C 295 -6.02 40.19 3.61
N ARG C 296 -7.21 40.11 4.19
CA ARG C 296 -7.46 40.67 5.51
C ARG C 296 -6.37 40.27 6.53
N LEU C 297 -6.03 38.98 6.58
CA LEU C 297 -5.05 38.40 7.52
C LEU C 297 -3.78 39.22 7.73
N SER D 2 5.22 -21.25 19.89
CA SER D 2 5.91 -22.12 20.87
C SER D 2 5.14 -22.10 22.19
N LEU D 3 5.46 -21.13 23.06
CA LEU D 3 4.79 -20.98 24.34
C LEU D 3 3.35 -20.53 24.11
N LEU D 4 2.62 -20.36 25.19
CA LEU D 4 1.21 -19.95 25.12
C LEU D 4 0.97 -18.76 25.99
N ILE D 5 0.38 -17.73 25.38
CA ILE D 5 0.03 -16.49 26.06
C ILE D 5 -1.49 -16.48 26.05
N GLY D 6 -2.09 -16.37 27.24
CA GLY D 6 -3.53 -16.33 27.34
C GLY D 6 -3.95 -14.91 27.64
N VAL D 7 -4.87 -14.36 26.85
CA VAL D 7 -5.35 -12.98 27.04
C VAL D 7 -6.82 -13.02 27.46
N ALA D 8 -7.15 -12.35 28.56
CA ALA D 8 -8.54 -12.28 29.02
C ALA D 8 -8.87 -10.85 28.66
N THR D 9 -9.78 -10.68 27.71
CA THR D 9 -10.12 -9.37 27.18
C THR D 9 -11.58 -9.00 27.23
N SER D 10 -11.79 -7.69 27.30
CA SER D 10 -13.10 -7.05 27.35
C SER D 10 -13.81 -7.41 26.05
N SER D 11 -15.01 -6.89 25.85
CA SER D 11 -15.73 -7.19 24.63
C SER D 11 -14.92 -6.72 23.46
N LEU D 12 -14.64 -7.64 22.56
CA LEU D 12 -13.89 -7.33 21.38
C LEU D 12 -14.75 -6.50 20.47
N ALA D 13 -16.00 -6.26 20.86
CA ALA D 13 -16.93 -5.45 20.06
C ALA D 13 -16.47 -3.97 20.02
N LEU D 14 -15.68 -3.57 21.03
CA LEU D 14 -15.18 -2.20 21.19
C LEU D 14 -13.79 -2.17 20.61
N HIS D 15 -13.50 -1.14 19.84
CA HIS D 15 -12.23 -1.07 19.13
C HIS D 15 -10.87 -1.05 19.84
N ALA D 16 -10.75 -0.44 21.02
CA ALA D 16 -9.44 -0.50 21.69
C ALA D 16 -9.15 -1.97 22.05
N PRO D 17 -10.12 -2.70 22.65
CA PRO D 17 -9.88 -4.11 22.99
C PRO D 17 -9.31 -4.92 21.79
N SER D 18 -9.97 -4.86 20.64
CA SER D 18 -9.53 -5.56 19.42
C SER D 18 -8.18 -5.14 18.88
N GLN D 19 -7.79 -3.90 19.13
CA GLN D 19 -6.51 -3.38 18.64
C GLN D 19 -5.38 -3.76 19.55
N ILE D 20 -5.68 -3.91 20.83
CA ILE D 20 -4.67 -4.30 21.81
C ILE D 20 -4.35 -5.75 21.54
N VAL D 21 -5.38 -6.57 21.55
CA VAL D 21 -5.28 -8.01 21.25
C VAL D 21 -4.54 -8.26 19.91
N ALA D 22 -4.85 -7.46 18.89
CA ALA D 22 -4.15 -7.62 17.61
C ALA D 22 -2.67 -7.29 17.74
N ALA D 23 -2.35 -6.31 18.58
CA ALA D 23 -0.97 -5.89 18.82
C ALA D 23 -0.25 -6.98 19.61
N ILE D 24 -0.96 -7.55 20.57
CA ILE D 24 -0.46 -8.64 21.41
C ILE D 24 -0.09 -9.79 20.49
N LYS D 25 -0.97 -10.07 19.56
CA LYS D 25 -0.76 -11.13 18.60
C LYS D 25 0.49 -10.85 17.75
N SER D 26 0.70 -9.61 17.35
CA SER D 26 1.84 -9.29 16.48
C SER D 26 3.20 -9.46 17.10
N ARG D 27 3.35 -9.04 18.35
CA ARG D 27 4.63 -9.15 19.04
C ARG D 27 4.90 -10.63 19.27
N ALA D 28 3.85 -11.33 19.69
CA ALA D 28 3.92 -12.77 19.94
C ALA D 28 4.37 -13.46 18.66
N ASP D 29 3.80 -13.03 17.54
CA ASP D 29 4.11 -13.58 16.21
C ASP D 29 5.60 -13.57 15.94
N GLN D 30 6.22 -12.42 16.20
CA GLN D 30 7.65 -12.27 15.94
C GLN D 30 8.61 -13.02 16.87
N LEU D 31 8.08 -13.43 18.02
CA LEU D 31 8.86 -14.16 19.01
C LEU D 31 8.40 -15.62 19.05
N GLY D 32 7.70 -16.05 18.01
CA GLY D 32 7.25 -17.43 17.97
C GLY D 32 6.33 -17.89 19.09
N ALA D 33 5.77 -16.98 19.86
CA ALA D 33 4.85 -17.38 20.92
C ALA D 33 3.49 -17.66 20.27
N SER D 34 2.56 -18.11 21.10
CA SER D 34 1.21 -18.42 20.66
C SER D 34 0.29 -17.58 21.53
N VAL D 35 -0.84 -17.19 20.95
CA VAL D 35 -1.79 -16.38 21.65
C VAL D 35 -3.11 -17.10 21.55
N VAL D 36 -3.77 -17.26 22.69
CA VAL D 36 -5.07 -17.90 22.75
C VAL D 36 -5.89 -16.94 23.58
N VAL D 37 -6.96 -16.39 22.98
CA VAL D 37 -7.79 -15.40 23.65
C VAL D 37 -9.08 -15.96 24.14
N SER D 38 -9.43 -15.54 25.36
CA SER D 38 -10.67 -15.91 26.01
C SER D 38 -11.35 -14.54 26.25
N MET D 39 -12.70 -14.53 26.26
CA MET D 39 -13.47 -13.28 26.42
C MET D 39 -14.36 -13.26 27.63
N VAL D 40 -14.36 -12.12 28.32
CA VAL D 40 -15.13 -11.95 29.56
C VAL D 40 -16.41 -11.11 29.47
N GLU D 41 -17.42 -11.54 30.20
CA GLU D 41 -18.73 -10.89 30.25
C GLU D 41 -18.57 -9.65 31.12
N ARG D 42 -19.04 -8.50 30.64
CA ARG D 42 -18.93 -7.26 31.40
C ARG D 42 -19.68 -7.42 32.72
N SER D 43 -19.03 -8.07 33.68
CA SER D 43 -19.64 -8.32 34.98
C SER D 43 -18.60 -8.15 36.09
N GLY D 44 -17.33 -8.40 35.76
CA GLY D 44 -16.30 -8.27 36.75
C GLY D 44 -15.80 -9.59 37.32
N VAL D 45 -14.90 -9.46 38.29
CA VAL D 45 -14.23 -10.57 38.98
C VAL D 45 -14.62 -12.00 38.64
N GLU D 46 -15.87 -12.38 38.90
CA GLU D 46 -16.30 -13.74 38.63
C GLU D 46 -16.16 -14.04 37.15
N ALA D 47 -16.74 -13.15 36.35
CA ALA D 47 -16.70 -13.26 34.89
C ALA D 47 -15.25 -13.30 34.43
N CYS D 48 -14.42 -12.46 35.03
CA CYS D 48 -12.99 -12.39 34.71
C CYS D 48 -12.25 -13.63 35.23
N LYS D 49 -12.66 -14.12 36.40
CA LYS D 49 -12.08 -15.30 37.03
C LYS D 49 -12.29 -16.51 36.14
N ALA D 50 -13.53 -16.67 35.67
CA ALA D 50 -13.91 -17.77 34.79
C ALA D 50 -12.93 -17.87 33.64
N ALA D 51 -12.73 -16.74 32.95
CA ALA D 51 -11.83 -16.68 31.82
C ALA D 51 -10.40 -17.06 32.21
N VAL D 52 -9.93 -16.58 33.35
CA VAL D 52 -8.58 -16.94 33.75
C VAL D 52 -8.53 -18.46 33.84
N HIS D 53 -9.55 -19.04 34.47
CA HIS D 53 -9.61 -20.49 34.61
C HIS D 53 -9.49 -21.22 33.27
N ASN D 54 -10.36 -20.87 32.35
CA ASN D 54 -10.39 -21.46 31.01
C ASN D 54 -9.05 -21.46 30.31
N LEU D 55 -8.25 -20.43 30.59
CA LEU D 55 -6.93 -20.30 30.00
C LEU D 55 -5.95 -21.21 30.74
N LEU D 56 -6.06 -21.22 32.07
CA LEU D 56 -5.21 -22.06 32.90
C LEU D 56 -5.36 -23.52 32.45
N ALA D 57 -6.58 -23.86 32.06
CA ALA D 57 -6.87 -25.20 31.58
C ALA D 57 -6.33 -25.41 30.16
N GLN D 58 -5.34 -24.62 29.74
CA GLN D 58 -4.72 -24.75 28.42
C GLN D 58 -3.25 -24.37 28.44
N ARG D 59 -2.56 -24.82 29.50
CA ARG D 59 -1.13 -24.55 29.71
C ARG D 59 -0.93 -23.08 30.05
N VAL D 60 -1.01 -22.24 29.01
CA VAL D 60 -0.87 -20.80 29.13
C VAL D 60 0.35 -20.40 29.96
N SER D 61 1.46 -20.15 29.28
CA SER D 61 2.71 -19.74 29.95
C SER D 61 2.46 -18.55 30.90
N GLY D 62 1.53 -17.68 30.51
CA GLY D 62 1.20 -16.53 31.31
C GLY D 62 -0.05 -15.87 30.76
N LEU D 63 -0.69 -15.06 31.59
CA LEU D 63 -1.91 -14.40 31.18
C LEU D 63 -1.71 -12.89 31.04
N ILE D 64 -2.42 -12.29 30.10
CA ILE D 64 -2.45 -10.83 29.91
C ILE D 64 -3.94 -10.61 30.16
N ILE D 65 -4.27 -9.74 31.08
CA ILE D 65 -5.66 -9.52 31.42
C ILE D 65 -6.09 -8.09 31.16
N ASN D 66 -6.62 -7.87 29.97
CA ASN D 66 -7.09 -6.56 29.54
C ASN D 66 -8.59 -6.50 29.87
N TYR D 67 -8.93 -6.51 31.15
CA TYR D 67 -10.32 -6.46 31.58
C TYR D 67 -10.30 -5.52 32.76
N PRO D 68 -11.18 -4.52 32.75
CA PRO D 68 -11.13 -3.60 33.89
C PRO D 68 -11.44 -4.24 35.22
N LEU D 69 -10.52 -4.08 36.16
CA LEU D 69 -10.72 -4.62 37.50
C LEU D 69 -10.42 -3.61 38.57
N ASP D 70 -11.34 -3.51 39.52
CA ASP D 70 -11.25 -2.63 40.67
C ASP D 70 -10.04 -3.15 41.45
N ASP D 71 -9.32 -2.26 42.14
CA ASP D 71 -8.12 -2.67 42.89
C ASP D 71 -8.23 -3.94 43.74
N GLN D 72 -9.40 -4.12 44.34
CA GLN D 72 -9.66 -5.27 45.18
C GLN D 72 -9.88 -6.53 44.34
N ASP D 73 -10.66 -6.39 43.28
CA ASP D 73 -10.95 -7.52 42.39
C ASP D 73 -9.76 -7.90 41.50
N ALA D 74 -8.78 -7.00 41.41
CA ALA D 74 -7.58 -7.24 40.60
C ALA D 74 -6.68 -8.22 41.35
N ILE D 75 -6.54 -7.97 42.64
CA ILE D 75 -5.76 -8.80 43.54
C ILE D 75 -6.41 -10.18 43.49
N ALA D 76 -7.69 -10.25 43.86
CA ALA D 76 -8.47 -11.48 43.82
C ALA D 76 -8.27 -12.22 42.51
N VAL D 77 -8.29 -11.50 41.38
CA VAL D 77 -8.09 -12.15 40.07
C VAL D 77 -6.66 -12.62 39.87
N GLU D 78 -5.68 -11.87 40.36
CA GLU D 78 -4.29 -12.29 40.20
C GLU D 78 -4.09 -13.54 41.03
N ALA D 79 -4.71 -13.56 42.21
CA ALA D 79 -4.61 -14.70 43.11
C ALA D 79 -5.14 -16.02 42.49
N ALA D 80 -5.95 -15.91 41.45
CA ALA D 80 -6.51 -17.10 40.80
C ALA D 80 -5.68 -17.64 39.64
N CYS D 81 -4.66 -16.90 39.24
CA CYS D 81 -3.83 -17.36 38.14
C CYS D 81 -2.91 -18.47 38.63
N THR D 82 -2.81 -18.57 39.97
CA THR D 82 -2.02 -19.58 40.65
C THR D 82 -0.73 -19.99 39.94
N ASN D 83 0.40 -19.49 40.43
CA ASN D 83 1.75 -19.74 39.88
C ASN D 83 2.02 -19.36 38.41
N VAL D 84 1.00 -18.85 37.72
CA VAL D 84 1.12 -18.40 36.34
C VAL D 84 1.23 -16.87 36.38
N PRO D 85 2.21 -16.31 35.67
CA PRO D 85 2.42 -14.86 35.64
C PRO D 85 1.34 -14.08 34.87
N ALA D 86 0.71 -13.14 35.56
CA ALA D 86 -0.33 -12.32 34.98
C ALA D 86 0.07 -10.84 34.98
N LEU D 87 -0.24 -10.17 33.87
CA LEU D 87 0.04 -8.76 33.65
C LEU D 87 -1.27 -8.03 33.33
N PHE D 88 -1.74 -7.19 34.23
CA PHE D 88 -3.00 -6.48 34.04
C PHE D 88 -2.82 -5.21 33.21
N LEU D 89 -3.66 -5.02 32.19
CA LEU D 89 -3.60 -3.84 31.32
C LEU D 89 -4.70 -2.83 31.55
N ASP D 90 -5.61 -3.11 32.47
CA ASP D 90 -6.68 -2.18 32.74
C ASP D 90 -7.05 -2.21 34.21
N VAL D 91 -6.26 -1.46 34.98
CA VAL D 91 -6.42 -1.34 36.41
C VAL D 91 -5.86 0.03 36.78
N SER D 92 -5.96 0.39 38.05
CA SER D 92 -5.41 1.64 38.51
C SER D 92 -3.91 1.39 38.57
N ASP D 93 -3.14 2.46 38.48
CA ASP D 93 -1.69 2.33 38.55
C ASP D 93 -1.26 2.07 40.00
N GLN D 94 -2.25 2.04 40.90
CA GLN D 94 -2.02 1.83 42.33
C GLN D 94 -2.29 0.41 42.84
N THR D 95 -2.69 -0.51 41.98
CA THR D 95 -2.98 -1.85 42.46
C THR D 95 -1.70 -2.66 42.53
N PRO D 96 -1.49 -3.37 43.65
CA PRO D 96 -0.30 -4.20 43.87
C PRO D 96 -0.32 -5.45 42.99
N ILE D 97 -0.09 -5.23 41.69
CA ILE D 97 -0.07 -6.29 40.71
C ILE D 97 0.93 -5.89 39.62
N ASN D 98 1.15 -6.78 38.65
CA ASN D 98 2.05 -6.50 37.56
C ASN D 98 1.18 -5.84 36.51
N SER D 99 1.32 -4.53 36.34
CA SER D 99 0.51 -3.80 35.39
C SER D 99 1.26 -2.93 34.39
N ILE D 100 0.58 -2.63 33.29
CA ILE D 100 1.10 -1.77 32.23
C ILE D 100 -0.10 -0.91 31.82
N ILE D 101 -0.15 0.31 32.32
CA ILE D 101 -1.25 1.18 31.95
C ILE D 101 -0.74 2.55 31.47
N PHE D 102 -1.50 3.17 30.55
CA PHE D 102 -1.18 4.49 29.97
C PHE D 102 -1.38 5.60 30.98
N SER D 103 -0.66 6.69 30.82
CA SER D 103 -0.81 7.77 31.75
C SER D 103 -2.14 8.51 31.64
N HIS D 104 -3.07 8.22 32.55
CA HIS D 104 -4.37 8.91 32.57
C HIS D 104 -4.28 10.34 33.03
N GLU D 105 -3.20 10.69 33.71
CA GLU D 105 -2.96 12.05 34.23
C GLU D 105 -2.59 13.03 33.13
N ASP D 106 -1.84 12.52 32.15
CA ASP D 106 -1.39 13.33 31.02
C ASP D 106 -2.48 13.33 29.98
N GLY D 107 -3.19 12.22 29.89
CA GLY D 107 -4.28 12.13 28.96
C GLY D 107 -5.28 13.20 29.31
N THR D 108 -5.83 13.14 30.52
CA THR D 108 -6.82 14.10 30.96
C THR D 108 -6.35 15.57 31.00
N ARG D 109 -5.08 15.79 31.35
CA ARG D 109 -4.53 17.14 31.42
C ARG D 109 -4.45 17.71 30.00
N LEU D 110 -3.85 16.94 29.09
CA LEU D 110 -3.69 17.36 27.71
C LEU D 110 -5.04 17.70 27.12
N GLY D 111 -6.09 17.02 27.58
CA GLY D 111 -7.44 17.26 27.07
C GLY D 111 -7.95 18.61 27.51
N VAL D 112 -7.99 18.80 28.82
CA VAL D 112 -8.44 20.04 29.45
C VAL D 112 -7.58 21.23 29.04
N GLU D 113 -6.27 21.11 29.11
CA GLU D 113 -5.43 22.23 28.73
C GLU D 113 -5.62 22.64 27.27
N HIS D 114 -5.89 21.67 26.40
CA HIS D 114 -6.11 22.02 25.01
C HIS D 114 -7.39 22.81 24.93
N LEU D 115 -8.47 22.29 25.51
CA LEU D 115 -9.73 23.01 25.45
C LEU D 115 -9.65 24.38 26.06
N VAL D 116 -9.31 24.49 27.36
CA VAL D 116 -9.22 25.81 28.03
C VAL D 116 -8.34 26.85 27.33
N ALA D 117 -7.19 26.45 26.83
CA ALA D 117 -6.28 27.33 26.14
C ALA D 117 -6.86 27.86 24.84
N LEU D 118 -7.86 27.19 24.30
CA LEU D 118 -8.54 27.65 23.08
C LEU D 118 -9.63 28.66 23.50
N GLY D 119 -9.86 28.71 24.81
CA GLY D 119 -10.84 29.59 25.39
C GLY D 119 -12.14 28.99 25.88
N HIS D 120 -12.26 27.67 25.98
CA HIS D 120 -13.53 27.09 26.40
C HIS D 120 -13.86 27.15 27.87
N GLN D 121 -15.02 27.75 28.11
CA GLN D 121 -15.58 27.96 29.44
C GLN D 121 -16.59 26.86 29.74
N GLN D 122 -17.61 26.75 28.89
CA GLN D 122 -18.67 25.76 29.03
C GLN D 122 -18.24 24.42 28.44
N ILE D 123 -17.77 23.53 29.30
CA ILE D 123 -17.29 22.19 28.90
C ILE D 123 -18.05 21.05 29.56
N ALA D 124 -18.51 20.11 28.75
CA ALA D 124 -19.24 18.95 29.26
C ALA D 124 -18.35 17.71 29.20
N LEU D 125 -18.49 16.80 30.16
CA LEU D 125 -17.71 15.58 30.17
C LEU D 125 -18.63 14.41 29.83
N LEU D 126 -18.12 13.47 29.03
CA LEU D 126 -18.87 12.29 28.64
C LEU D 126 -17.96 11.13 29.01
N ALA D 127 -18.21 10.52 30.16
CA ALA D 127 -17.40 9.43 30.68
C ALA D 127 -17.93 8.03 30.34
N GLY D 128 -17.00 7.06 30.32
CA GLY D 128 -17.33 5.69 30.01
C GLY D 128 -18.03 5.12 31.20
N PRO D 129 -18.33 3.80 31.20
CA PRO D 129 -19.02 3.24 32.37
C PRO D 129 -18.16 3.37 33.62
N LEU D 130 -18.68 4.10 34.59
CA LEU D 130 -18.00 4.29 35.86
C LEU D 130 -17.81 2.96 36.58
N SER D 131 -18.16 1.87 35.90
CA SER D 131 -17.94 0.55 36.45
C SER D 131 -16.52 0.15 35.97
N SER D 132 -15.90 0.98 35.14
CA SER D 132 -14.55 0.72 34.65
C SER D 132 -13.60 1.66 35.36
N VAL D 133 -12.53 1.09 35.88
CA VAL D 133 -11.52 1.84 36.57
C VAL D 133 -11.02 2.93 35.66
N SER D 134 -10.62 2.57 34.43
CA SER D 134 -10.12 3.53 33.46
C SER D 134 -11.09 4.70 33.28
N ALA D 135 -12.37 4.38 33.16
CA ALA D 135 -13.39 5.39 33.02
C ALA D 135 -13.23 6.29 34.22
N ARG D 136 -13.28 5.71 35.41
CA ARG D 136 -13.15 6.49 36.63
C ARG D 136 -11.88 7.33 36.67
N LEU D 137 -10.78 6.76 36.20
CA LEU D 137 -9.50 7.42 36.21
C LEU D 137 -9.49 8.67 35.35
N ARG D 138 -9.92 8.54 34.10
CA ARG D 138 -10.02 9.67 33.15
C ARG D 138 -11.06 10.69 33.66
N LEU D 139 -12.18 10.21 34.20
CA LEU D 139 -13.21 11.12 34.72
C LEU D 139 -12.69 11.97 35.85
N ALA D 140 -12.11 11.32 36.86
CA ALA D 140 -11.55 11.99 38.03
C ALA D 140 -10.43 12.92 37.61
N GLY D 141 -9.80 12.59 36.50
CA GLY D 141 -8.71 13.39 36.00
C GLY D 141 -9.17 14.66 35.31
N TRP D 142 -10.27 14.62 34.58
CA TRP D 142 -10.72 15.86 33.93
C TRP D 142 -11.09 16.79 35.05
N HIS D 143 -11.61 16.28 36.15
CA HIS D 143 -11.97 17.08 37.31
C HIS D 143 -10.76 17.77 37.92
N LYS D 144 -9.69 17.01 38.15
CA LYS D 144 -8.47 17.56 38.74
C LYS D 144 -8.04 18.74 37.89
N TYR D 145 -7.81 18.50 36.61
CA TYR D 145 -7.35 19.57 35.74
C TYR D 145 -8.35 20.64 35.36
N LEU D 146 -9.64 20.35 35.44
CA LEU D 146 -10.61 21.36 35.11
C LEU D 146 -10.58 22.28 36.32
N THR D 147 -10.80 21.71 37.49
CA THR D 147 -10.81 22.47 38.74
C THR D 147 -9.62 23.41 38.87
N ARG D 148 -8.42 22.92 38.59
CA ARG D 148 -7.26 23.79 38.72
C ARG D 148 -7.10 24.84 37.61
N ASN D 149 -8.06 24.91 36.71
CA ASN D 149 -8.03 25.93 35.65
C ASN D 149 -9.28 26.72 35.93
N GLN D 150 -9.76 26.59 37.16
CA GLN D 150 -10.93 27.27 37.62
C GLN D 150 -12.18 26.98 36.79
N ILE D 151 -12.22 25.81 36.16
CA ILE D 151 -13.40 25.46 35.37
C ILE D 151 -14.22 24.35 36.02
N GLN D 152 -15.54 24.50 35.88
CA GLN D 152 -16.51 23.56 36.40
C GLN D 152 -17.33 23.15 35.16
N PRO D 153 -17.52 21.83 34.97
CA PRO D 153 -18.28 21.32 33.81
C PRO D 153 -19.77 21.58 33.94
N ILE D 154 -20.37 22.16 32.90
CA ILE D 154 -21.79 22.44 32.92
C ILE D 154 -22.61 21.15 32.92
N ALA D 155 -21.98 20.08 32.43
CA ALA D 155 -22.60 18.77 32.32
C ALA D 155 -21.56 17.65 32.43
N GLU D 156 -21.97 16.56 33.08
CA GLU D 156 -21.12 15.41 33.25
C GLU D 156 -22.06 14.24 32.98
N ARG D 157 -21.76 13.45 31.95
CA ARG D 157 -22.62 12.33 31.56
C ARG D 157 -21.82 11.07 31.35
N GLU D 158 -22.51 9.89 31.39
CA GLU D 158 -21.69 8.68 31.18
C GLU D 158 -22.45 7.67 30.32
N GLY D 159 -21.69 7.15 29.34
CA GLY D 159 -22.21 6.13 28.46
C GLY D 159 -21.71 4.74 28.79
N ASP D 160 -21.32 4.00 27.74
CA ASP D 160 -20.83 2.64 27.93
C ASP D 160 -19.78 2.17 26.93
N TRP D 161 -19.06 3.14 26.36
CA TRP D 161 -17.96 2.95 25.39
C TRP D 161 -18.37 2.90 23.93
N SER D 162 -19.67 2.84 23.69
CA SER D 162 -20.16 2.73 22.34
C SER D 162 -20.58 4.05 21.74
N ALA D 163 -20.67 4.05 20.40
CA ALA D 163 -21.05 5.21 19.63
C ALA D 163 -22.52 5.57 19.85
N MET D 164 -23.37 4.57 20.07
CA MET D 164 -24.75 4.87 20.28
C MET D 164 -24.86 5.64 21.58
N SER D 165 -24.17 5.19 22.63
CA SER D 165 -24.24 5.89 23.92
C SER D 165 -23.79 7.35 23.85
N GLY D 166 -22.76 7.60 23.05
CA GLY D 166 -22.30 8.96 22.89
C GLY D 166 -23.44 9.74 22.30
N PHE D 167 -24.08 9.16 21.28
CA PHE D 167 -25.23 9.78 20.65
C PHE D 167 -26.37 9.97 21.67
N GLN D 168 -26.98 8.90 22.17
CA GLN D 168 -28.09 9.07 23.11
C GLN D 168 -27.81 10.00 24.32
N GLN D 169 -26.56 10.08 24.79
CA GLN D 169 -26.25 10.96 25.93
C GLN D 169 -26.21 12.41 25.51
N THR D 170 -25.40 12.71 24.50
CA THR D 170 -25.29 14.06 23.95
C THR D 170 -26.70 14.58 23.60
N MET D 171 -27.43 13.82 22.80
CA MET D 171 -28.77 14.17 22.38
C MET D 171 -29.61 14.62 23.59
N GLN D 172 -29.77 13.76 24.61
CA GLN D 172 -30.59 14.10 25.78
C GLN D 172 -30.02 15.20 26.67
N MET D 173 -28.76 15.50 26.45
CA MET D 173 -28.06 16.53 27.17
C MET D 173 -28.54 17.82 26.53
N LEU D 174 -28.39 17.90 25.21
CA LEU D 174 -28.78 19.09 24.46
C LEU D 174 -30.26 19.36 24.57
N ASN D 175 -31.03 18.30 24.48
CA ASN D 175 -32.47 18.40 24.59
C ASN D 175 -32.90 18.72 26.01
N GLU D 176 -31.93 18.88 26.92
CA GLU D 176 -32.20 19.24 28.33
C GLU D 176 -31.85 20.70 28.51
N GLY D 177 -31.39 21.32 27.43
CA GLY D 177 -31.05 22.72 27.44
C GLY D 177 -29.59 22.96 27.72
N ILE D 178 -28.85 21.90 28.02
CA ILE D 178 -27.43 22.04 28.31
C ILE D 178 -26.61 21.88 27.04
N VAL D 179 -26.10 22.99 26.55
CA VAL D 179 -25.33 22.98 25.32
C VAL D 179 -23.98 23.60 25.62
N PRO D 180 -22.93 22.77 25.62
CA PRO D 180 -21.58 23.21 25.89
C PRO D 180 -20.95 23.74 24.64
N THR D 181 -19.73 24.27 24.77
CA THR D 181 -18.99 24.76 23.60
C THR D 181 -17.87 23.74 23.28
N ALA D 182 -17.64 22.79 24.17
CA ALA D 182 -16.63 21.77 23.96
C ALA D 182 -17.03 20.54 24.75
N MET D 183 -16.56 19.38 24.33
CA MET D 183 -16.86 18.14 25.05
C MET D 183 -15.62 17.33 25.13
N LEU D 184 -15.47 16.70 26.28
CA LEU D 184 -14.35 15.83 26.59
C LEU D 184 -14.99 14.46 26.69
N VAL D 185 -14.58 13.56 25.80
CA VAL D 185 -15.17 12.24 25.75
C VAL D 185 -14.19 11.14 26.14
N ALA D 186 -14.72 10.15 26.88
CA ALA D 186 -13.96 9.00 27.38
C ALA D 186 -13.30 8.08 26.33
N ASN D 187 -13.80 8.10 25.10
CA ASN D 187 -13.21 7.29 24.04
C ASN D 187 -13.65 7.79 22.67
N ASP D 188 -12.91 7.38 21.64
CA ASP D 188 -13.19 7.77 20.27
C ASP D 188 -14.53 7.34 19.72
N GLN D 189 -15.05 6.22 20.19
CA GLN D 189 -16.34 5.76 19.70
C GLN D 189 -17.42 6.67 20.21
N MET D 190 -17.41 6.97 21.50
CA MET D 190 -18.40 7.87 22.05
C MET D 190 -18.22 9.26 21.45
N ALA D 191 -16.98 9.61 21.07
CA ALA D 191 -16.71 10.91 20.47
C ALA D 191 -17.54 10.94 19.20
N LEU D 192 -17.49 9.87 18.39
CA LEU D 192 -18.26 9.78 17.15
C LEU D 192 -19.76 9.93 17.42
N GLY D 193 -20.28 9.22 18.42
CA GLY D 193 -21.71 9.29 18.67
C GLY D 193 -22.09 10.72 19.03
N ALA D 194 -21.18 11.41 19.70
CA ALA D 194 -21.34 12.79 20.14
C ALA D 194 -21.35 13.74 18.95
N MET D 195 -20.41 13.59 18.02
CA MET D 195 -20.32 14.44 16.84
C MET D 195 -21.63 14.28 16.08
N ARG D 196 -22.01 13.01 15.94
CA ARG D 196 -23.23 12.59 15.29
C ARG D 196 -24.42 13.38 15.83
N ALA D 197 -24.55 13.45 17.16
CA ALA D 197 -25.67 14.18 17.79
C ALA D 197 -25.62 15.70 17.58
N ILE D 198 -24.45 16.29 17.75
CA ILE D 198 -24.28 17.74 17.55
C ILE D 198 -24.93 18.04 16.21
N THR D 199 -24.29 17.55 15.14
CA THR D 199 -24.77 17.70 13.77
C THR D 199 -26.25 17.28 13.65
N GLU D 200 -26.69 16.36 14.49
CA GLU D 200 -28.09 15.92 14.45
C GLU D 200 -29.00 17.04 14.89
N SER D 201 -28.49 17.88 15.79
CA SER D 201 -29.20 19.01 16.34
C SER D 201 -29.01 20.27 15.53
N GLY D 202 -28.33 20.18 14.40
CA GLY D 202 -28.13 21.36 13.58
C GLY D 202 -26.87 22.15 13.87
N LEU D 203 -26.07 21.68 14.81
CA LEU D 203 -24.84 22.38 15.14
C LEU D 203 -23.64 21.82 14.39
N ARG D 204 -22.59 22.62 14.28
CA ARG D 204 -21.33 22.22 13.63
C ARG D 204 -20.32 21.68 14.66
N VAL D 205 -19.60 20.64 14.30
CA VAL D 205 -18.62 20.10 15.20
C VAL D 205 -17.49 21.07 15.03
N GLY D 206 -16.79 21.38 16.10
CA GLY D 206 -15.67 22.29 15.98
C GLY D 206 -16.11 23.73 16.12
N ALA D 207 -16.81 24.24 15.11
CA ALA D 207 -17.28 25.63 15.11
C ALA D 207 -18.25 25.96 16.21
N ASP D 208 -19.17 25.03 16.45
CA ASP D 208 -20.21 25.16 17.46
C ASP D 208 -19.89 24.37 18.75
N ILE D 209 -20.00 23.04 18.72
CA ILE D 209 -19.62 22.26 19.91
C ILE D 209 -18.32 21.53 19.55
N SER D 210 -17.22 21.82 20.27
CA SER D 210 -15.92 21.15 20.02
C SER D 210 -15.92 19.83 20.76
N VAL D 211 -15.20 18.85 20.24
CA VAL D 211 -15.17 17.53 20.80
C VAL D 211 -13.75 17.00 20.95
N VAL D 212 -13.44 16.36 22.10
CA VAL D 212 -12.11 15.74 22.30
C VAL D 212 -12.32 14.25 22.64
N GLY D 213 -11.72 13.35 21.84
CA GLY D 213 -11.83 11.92 22.10
C GLY D 213 -10.75 11.38 23.02
N TYR D 214 -10.56 10.06 23.01
CA TYR D 214 -9.56 9.37 23.82
C TYR D 214 -9.34 8.02 23.16
N ASP D 215 -8.06 7.68 22.94
CA ASP D 215 -7.56 6.43 22.30
C ASP D 215 -6.81 6.61 20.99
N ASP D 216 -7.47 7.25 20.04
CA ASP D 216 -7.00 7.44 18.67
C ASP D 216 -7.04 6.08 18.02
N THR D 217 -8.12 5.36 18.28
CA THR D 217 -8.30 4.06 17.67
C THR D 217 -8.34 4.34 16.17
N GLU D 218 -7.95 3.33 15.40
CA GLU D 218 -7.89 3.38 13.95
C GLU D 218 -8.69 4.45 13.24
N ASP D 219 -9.98 4.20 13.05
CA ASP D 219 -10.93 5.04 12.33
C ASP D 219 -11.22 6.49 12.76
N SER D 220 -10.57 7.01 13.81
CA SER D 220 -10.82 8.36 14.29
C SER D 220 -10.52 9.44 13.29
N SER D 221 -9.49 9.26 12.50
CA SER D 221 -9.28 10.23 11.46
C SER D 221 -10.39 9.72 10.56
N CYS D 222 -10.47 10.04 9.30
CA CYS D 222 -11.63 9.44 8.58
C CYS D 222 -12.99 9.82 9.15
N TYR D 223 -13.04 10.40 10.34
CA TYR D 223 -14.31 10.81 10.94
C TYR D 223 -14.49 12.18 10.34
N ILE D 224 -15.73 12.64 10.22
CA ILE D 224 -16.00 13.96 9.66
C ILE D 224 -16.65 14.82 10.73
N PRO D 225 -15.90 15.81 11.23
CA PRO D 225 -14.53 16.08 10.80
C PRO D 225 -13.57 15.16 11.54
N PRO D 226 -12.32 15.06 11.07
CA PRO D 226 -11.33 14.21 11.72
C PRO D 226 -11.27 14.50 13.23
N LEU D 227 -11.40 13.47 14.04
CA LEU D 227 -11.38 13.60 15.48
C LEU D 227 -10.05 14.00 16.10
N THR D 228 -10.07 15.03 16.95
CA THR D 228 -8.90 15.48 17.69
C THR D 228 -9.04 14.52 18.86
N THR D 229 -7.92 14.06 19.39
CA THR D 229 -8.00 13.04 20.44
C THR D 229 -6.72 12.79 21.17
N ILE D 230 -6.83 12.07 22.29
CA ILE D 230 -5.69 11.69 23.10
C ILE D 230 -5.24 10.29 22.62
N LYS D 231 -4.13 10.23 21.88
CA LYS D 231 -3.63 8.96 21.36
C LYS D 231 -2.92 8.04 22.33
N GLN D 232 -3.41 6.81 22.44
CA GLN D 232 -2.83 5.81 23.32
C GLN D 232 -2.30 4.67 22.48
N ASP D 233 -1.02 4.74 22.12
CA ASP D 233 -0.37 3.72 21.31
C ASP D 233 -0.58 2.28 21.82
N PHE D 234 -1.57 1.60 21.24
CA PHE D 234 -1.84 0.22 21.62
C PHE D 234 -0.84 -0.71 20.92
N ARG D 235 -0.08 -0.21 19.96
CA ARG D 235 0.93 -1.05 19.33
C ARG D 235 2.00 -1.23 20.42
N LEU D 236 2.27 -0.16 21.14
CA LEU D 236 3.22 -0.15 22.23
C LEU D 236 2.68 -1.09 23.29
N LEU D 237 1.46 -0.85 23.72
CA LEU D 237 0.87 -1.69 24.75
C LEU D 237 1.00 -3.14 24.39
N GLY D 238 1.02 -3.43 23.09
CA GLY D 238 1.13 -4.81 22.67
C GLY D 238 2.50 -5.40 22.91
N GLN D 239 3.54 -4.86 22.27
CA GLN D 239 4.89 -5.38 22.47
C GLN D 239 5.33 -5.31 23.94
N THR D 240 5.13 -4.16 24.58
CA THR D 240 5.50 -4.02 25.98
C THR D 240 4.82 -5.09 26.82
N SER D 241 3.59 -5.42 26.48
CA SER D 241 2.87 -6.42 27.24
C SER D 241 3.47 -7.79 27.06
N VAL D 242 3.68 -8.19 25.80
CA VAL D 242 4.21 -9.52 25.53
C VAL D 242 5.61 -9.76 26.07
N ASP D 243 6.52 -8.83 25.78
CA ASP D 243 7.87 -8.94 26.25
C ASP D 243 7.94 -9.17 27.75
N ARG D 244 7.37 -8.23 28.50
CA ARG D 244 7.38 -8.32 29.96
C ARG D 244 6.69 -9.59 30.46
N LEU D 245 5.64 -10.03 29.78
CA LEU D 245 4.94 -11.25 30.18
C LEU D 245 5.91 -12.41 30.17
N LEU D 246 6.74 -12.47 29.13
CA LEU D 246 7.72 -13.53 29.05
C LEU D 246 8.77 -13.35 30.15
N GLN D 247 9.24 -12.12 30.34
CA GLN D 247 10.24 -11.84 31.38
C GLN D 247 9.70 -12.44 32.67
N LEU D 248 8.42 -12.22 32.89
CA LEU D 248 7.74 -12.74 34.07
C LEU D 248 7.89 -14.26 34.16
N SER D 249 7.62 -14.95 33.05
CA SER D 249 7.73 -16.40 33.00
C SER D 249 9.19 -16.87 32.95
N GLN D 250 10.11 -15.98 33.27
CA GLN D 250 11.53 -16.31 33.27
C GLN D 250 12.22 -15.69 34.47
N GLY D 251 11.44 -15.27 35.46
CA GLY D 251 12.00 -14.67 36.64
C GLY D 251 12.62 -13.29 36.45
N GLN D 252 12.73 -12.84 35.20
CA GLN D 252 13.32 -11.53 34.89
C GLN D 252 12.21 -10.49 34.85
N ALA D 253 11.37 -10.50 35.88
CA ALA D 253 10.24 -9.58 35.99
C ALA D 253 10.61 -8.19 36.53
N VAL D 254 9.71 -7.24 36.28
CA VAL D 254 9.88 -5.89 36.77
C VAL D 254 8.95 -5.82 37.99
N LYS D 255 7.92 -6.67 37.93
CA LYS D 255 6.95 -6.83 39.00
C LYS D 255 5.98 -5.69 39.34
N GLY D 256 6.38 -4.44 39.15
CA GLY D 256 5.47 -3.34 39.48
C GLY D 256 4.53 -2.89 38.39
N ASN D 257 4.00 -1.68 38.56
CA ASN D 257 3.10 -1.04 37.58
C ASN D 257 4.01 -0.30 36.62
N GLN D 258 3.52 -0.02 35.43
CA GLN D 258 4.33 0.70 34.47
C GLN D 258 3.44 1.66 33.69
N LEU D 259 3.98 2.85 33.40
CA LEU D 259 3.22 3.87 32.68
C LEU D 259 3.74 4.18 31.29
N LEU D 260 2.81 4.04 30.34
CA LEU D 260 3.03 4.29 28.95
C LEU D 260 2.64 5.73 28.65
N PRO D 261 3.32 6.39 27.70
CA PRO D 261 2.96 7.77 27.39
C PRO D 261 1.56 7.90 26.75
N VAL D 262 1.24 9.11 26.31
CA VAL D 262 -0.04 9.43 25.72
C VAL D 262 0.24 10.79 25.02
N SER D 263 -0.57 11.19 24.03
CA SER D 263 -0.34 12.47 23.34
C SER D 263 -1.59 12.98 22.63
N LEU D 264 -1.75 14.29 22.55
CA LEU D 264 -2.91 14.87 21.91
C LEU D 264 -2.70 14.98 20.41
N VAL D 265 -3.45 14.19 19.66
CA VAL D 265 -3.39 14.25 18.20
C VAL D 265 -4.46 15.28 17.87
N LYS D 266 -4.05 16.50 17.53
CA LYS D 266 -5.02 17.52 17.16
C LYS D 266 -5.36 17.47 15.69
N ARG D 267 -6.65 17.35 15.41
CA ARG D 267 -7.16 17.28 14.06
C ARG D 267 -8.23 18.36 13.80
N LYS D 268 -9.49 18.02 13.52
CA LYS D 268 -10.42 19.09 13.20
C LYS D 268 -11.77 19.22 13.93
N THR D 269 -11.87 18.58 15.09
CA THR D 269 -13.10 18.67 15.87
C THR D 269 -12.89 19.70 16.98
N THR D 270 -11.81 20.46 16.87
CA THR D 270 -11.48 21.42 17.90
C THR D 270 -11.27 22.84 17.37
N LEU D 271 -11.93 23.81 18.01
CA LEU D 271 -11.84 25.19 17.53
C LEU D 271 -12.13 26.15 18.65
N ALA D 272 -11.65 27.37 18.51
CA ALA D 272 -11.91 28.38 19.51
C ALA D 272 -13.43 28.66 19.48
N PRO D 273 -14.06 28.90 20.65
CA PRO D 273 -15.50 29.16 20.64
C PRO D 273 -15.82 30.46 19.93
N ASN D 274 -17.11 30.78 19.82
CA ASN D 274 -17.59 32.03 19.18
C ASN D 274 -16.63 32.59 18.13
N THR D 275 -16.21 31.73 17.21
CA THR D 275 -15.29 32.16 16.18
C THR D 275 -16.03 32.65 14.97
N GLN D 276 -15.73 33.89 14.62
CA GLN D 276 -16.31 34.55 13.45
C GLN D 276 -15.01 34.83 12.72
N THR D 277 -14.96 34.44 11.45
CA THR D 277 -13.76 34.61 10.63
C THR D 277 -12.75 33.48 10.91
N ALA D 278 -12.24 32.89 9.84
CA ALA D 278 -11.31 31.78 9.90
C ALA D 278 -9.85 32.08 10.21
N SER D 279 -9.08 30.99 10.28
CA SER D 279 -7.63 30.98 10.55
C SER D 279 -6.88 30.59 9.28
N PRO D 280 -5.58 30.90 9.20
CA PRO D 280 -4.70 30.60 8.06
C PRO D 280 -4.83 29.18 7.53
N ARG D 281 -4.65 28.20 8.42
CA ARG D 281 -4.75 26.80 8.00
C ARG D 281 -6.13 26.52 7.39
N ALA D 282 -7.17 27.01 8.03
CA ALA D 282 -8.53 26.83 7.54
C ALA D 282 -8.71 27.42 6.13
N LEU D 283 -8.07 28.55 5.84
CA LEU D 283 -8.19 29.14 4.52
C LEU D 283 -7.51 28.26 3.49
N ALA D 284 -6.44 27.60 3.91
CA ALA D 284 -5.72 26.70 3.02
C ALA D 284 -6.59 25.47 2.74
N ASP D 285 -7.24 24.95 3.76
CA ASP D 285 -8.10 23.78 3.59
C ASP D 285 -9.22 24.08 2.60
N SER D 286 -9.86 25.23 2.79
CA SER D 286 -10.94 25.65 1.92
C SER D 286 -10.44 25.81 0.51
N LEU D 287 -9.28 26.46 0.39
CA LEU D 287 -8.64 26.70 -0.90
C LEU D 287 -8.40 25.39 -1.61
N MET D 288 -7.69 24.48 -0.95
CA MET D 288 -7.39 23.18 -1.53
C MET D 288 -8.65 22.44 -1.99
N GLN D 289 -9.74 22.54 -1.23
CA GLN D 289 -10.97 21.88 -1.68
C GLN D 289 -11.41 22.45 -3.03
N LEU D 290 -11.44 23.77 -3.13
CA LEU D 290 -11.81 24.46 -4.37
C LEU D 290 -10.86 24.06 -5.49
N ALA D 291 -9.58 23.89 -5.15
CA ALA D 291 -8.57 23.52 -6.14
C ALA D 291 -8.89 22.15 -6.69
N ARG D 292 -9.20 21.22 -5.80
CA ARG D 292 -9.54 19.87 -6.21
C ARG D 292 -10.79 19.98 -7.04
N GLN D 293 -11.66 20.91 -6.66
CA GLN D 293 -12.90 21.11 -7.37
C GLN D 293 -12.71 21.67 -8.78
N VAL D 294 -11.64 22.43 -8.96
CA VAL D 294 -11.29 23.02 -10.26
C VAL D 294 -10.54 21.94 -11.08
N SER D 295 -9.69 21.16 -10.42
CA SER D 295 -8.94 20.11 -11.11
C SER D 295 -9.92 19.28 -11.92
N ARG D 296 -10.95 18.79 -11.25
CA ARG D 296 -11.97 17.96 -11.87
C ARG D 296 -12.78 18.72 -12.92
N LEU D 297 -12.26 19.86 -13.36
CA LEU D 297 -12.92 20.70 -14.35
C LEU D 297 -12.17 20.69 -15.68
HG EMC E . 2.63 6.69 -11.02
C1 EMC E . -1.43 6.86 -14.34
C2 EMC E . -1.81 5.49 -13.81
C1 IPT F . 12.10 -3.29 -27.21
C2 IPT F . 11.69 -2.02 -26.48
O2 IPT F . 10.66 -1.39 -27.20
C3 IPT F . 12.86 -1.01 -26.30
O3 IPT F . 12.52 -0.05 -25.33
C4 IPT F . 14.16 -1.69 -25.90
O4 IPT F . 14.09 -2.09 -24.55
C5 IPT F . 14.39 -2.88 -26.81
O5 IPT F . 13.32 -3.80 -26.68
C6 IPT F . 15.67 -3.66 -26.55
O6 IPT F . 15.87 -4.61 -27.59
S1 IPT F . 10.88 -4.55 -26.90
C1' IPT F . 11.27 -5.89 -28.07
C2' IPT F . 10.32 -7.04 -27.90
C3' IPT F . 11.27 -5.41 -29.52
H1 IPT F . 12.20 -3.06 -28.29
H2 IPT F . 11.27 -2.28 -25.51
HO2 IPT F . 10.41 -0.56 -26.78
H3 IPT F . 12.96 -0.55 -27.29
HO3 IPT F . 12.54 -0.51 -24.48
H4 IPT F . 14.99 -0.97 -25.98
HO4 IPT F . 14.92 -2.54 -24.33
H5 IPT F . 14.47 -2.49 -27.83
H61 IPT F . 15.62 -4.18 -25.58
H62 IPT F . 16.53 -2.98 -26.53
HO6 IPT F . 15.75 -5.50 -27.26
HG EMC G . 20.40 12.56 -17.71
C1 EMC G . 25.12 13.00 -13.57
C2 EMC G . 25.56 12.63 -12.15
C1 IPT H . 18.65 -3.33 -3.70
C2 IPT H . 18.27 -1.98 -4.21
O2 IPT H . 18.90 -1.00 -3.41
C3 IPT H . 16.79 -1.75 -4.14
O3 IPT H . 16.47 -0.55 -4.80
C4 IPT H . 16.02 -2.92 -4.77
O4 IPT H . 16.21 -2.94 -6.18
C5 IPT H . 16.52 -4.21 -4.17
O5 IPT H . 17.92 -4.33 -4.40
C6 IPT H . 15.87 -5.43 -4.76
O6 IPT H . 16.41 -6.61 -4.17
S1 IPT H . 20.33 -3.60 -4.05
C1' IPT H . 20.66 -4.97 -3.00
C2' IPT H . 21.72 -5.83 -3.64
C3' IPT H . 21.09 -4.52 -1.63
H1 IPT H . 18.46 -3.40 -2.61
H2 IPT H . 18.62 -1.86 -5.25
HO2 IPT H . 19.86 -1.02 -3.53
H3 IPT H . 16.53 -1.66 -3.08
HO3 IPT H . 17.08 0.08 -4.38
H4 IPT H . 14.96 -2.77 -4.60
HO4 IPT H . 16.04 -2.03 -6.43
H5 IPT H . 16.31 -4.23 -3.08
H61 IPT H . 16.03 -5.44 -5.84
H62 IPT H . 14.78 -5.40 -4.63
HO6 IPT H . 16.70 -7.19 -4.89
HG EMC I . -26.15 6.83 16.17
C1 EMC I . -29.86 0.81 13.05
C2 EMC I . -30.81 0.21 12.04
C1 IPT J . -16.71 -9.60 6.28
C2 IPT J . -17.06 -8.13 6.28
O2 IPT J . -18.12 -7.88 5.39
C3 IPT J . -15.89 -7.30 5.84
O3 IPT J . -16.24 -5.93 6.00
C4 IPT J . -14.65 -7.61 6.68
O4 IPT J . -14.85 -7.17 8.01
C5 IPT J . -14.39 -9.12 6.61
O5 IPT J . -15.55 -9.85 7.07
C6 IPT J . -13.19 -9.64 7.38
O6 IPT J . -12.72 -10.88 6.87
S1 IPT J . -18.02 -10.46 7.03
C1' IPT J . -17.43 -12.17 7.01
C2' IPT J . -18.38 -13.10 7.76
C3' IPT J . -17.23 -12.67 5.59
H1 IPT J . -16.54 -9.94 5.24
H2 IPT J . -17.35 -7.84 7.29
HO2 IPT J . -18.92 -8.33 5.71
H3 IPT J . -15.71 -7.53 4.79
HO3 IPT J . -17.12 -5.88 5.57
H4 IPT J . -13.78 -7.08 6.28
HO4 IPT J . -15.09 -6.25 7.90
H5 IPT J . -14.19 -9.35 5.55
H61 IPT J . -13.50 -9.81 8.42
H62 IPT J . -12.39 -8.89 7.40
HO6 IPT J . -12.35 -11.40 7.60
HG EMC K . -8.80 8.98 6.95
C1 EMC K . -3.28 4.34 13.96
C2 EMC K . -3.39 5.42 15.03
C1 IPT L . -10.06 1.33 27.01
C2 IPT L . -10.44 2.26 25.86
O2 IPT L . -9.78 3.52 26.01
C3 IPT L . -11.92 2.54 25.86
O3 IPT L . -12.19 3.19 24.65
C4 IPT L . -12.73 1.27 25.95
O4 IPT L . -12.63 0.60 24.71
C5 IPT L . -12.21 0.41 27.11
O5 IPT L . -10.83 0.14 26.94
C6 IPT L . -12.88 -0.91 27.37
O6 IPT L . -12.80 -1.24 28.74
S1 IPT L . -8.40 0.87 26.87
C1' IPT L . -8.04 0.06 28.46
C2' IPT L . -6.57 -0.22 28.59
C3' IPT L . -8.48 0.81 29.64
H1 IPT L . -10.30 1.88 27.95
H2 IPT L . -10.16 1.79 24.94
HO2 IPT L . -8.83 3.39 26.03
H3 IPT L . -12.14 3.23 26.70
HO3 IPT L . -11.64 3.98 24.67
H4 IPT L . -13.79 1.47 26.07
HO4 IPT L . -13.42 0.06 24.56
H5 IPT L . -12.40 1.03 28.01
H61 IPT L . -13.91 -0.87 27.05
H62 IPT L . -12.37 -1.69 26.78
HO6 IPT L . -12.39 -2.11 28.84
#